data_3HCR
#
_entry.id   3HCR
#
_cell.length_a   86.423
_cell.length_b   92.935
_cell.length_c   109.973
_cell.angle_alpha   90.00
_cell.angle_beta   90.00
_cell.angle_gamma   90.00
#
_symmetry.space_group_name_H-M   'P 21 21 21'
#
loop_
_entity.id
_entity.type
_entity.pdbx_description
1 polymer 'Ferrochelatase, mitochondrial'
2 non-polymer 'FE2/S2 (INORGANIC) CLUSTER'
3 non-polymer IMIDAZOLE
4 non-polymer 'CHOLIC ACID'
5 non-polymer 'OXYGEN MOLECULE'
6 non-polymer 'CHLORIDE ION'
7 non-polymer 'FE(III) DEUTEROPORPHYRIN IX'
8 non-polymer 'SULFATE ION'
9 non-polymer GLYCEROL
10 water water
#
_entity_poly.entity_id   1
_entity_poly.type   'polypeptide(L)'
_entity_poly.pdbx_seq_one_letter_code
;RKPKTGILMLNMGGPETLGDVHDFLLRLFLDRDLMTLPIQNKLAPFIAKRRTPKIQEQYRRIGGGSPIKIWTSKQGEGMV
KLLDELSPNTAPHKYYIGFRYVHPLTEEAIEEMERDGLERAIAFTQYPQYSCSTTGSSLNAIYRYYNQVGRKPTMKWSTI
DRWPTHHLLIQCFADHILKELDHFPLEKRSEVVILFSAHSLPMSVVNRGDPYPQEVSATVQKVMERLEYCNPYRLVWQSK
VGPMPWLGPQTDESIKGLCERGRKNILLVPIAFTSDHIETLYELDIEYSQVLAKECGVENIRRAESLNGNPLFSKALADL
VHSHIQSNELCSKQLTLSCPLCVNPVCRETKSFFTSQQL
;
_entity_poly.pdbx_strand_id   A,B
#
loop_
_chem_comp.id
_chem_comp.type
_chem_comp.name
_chem_comp.formula
CHD non-polymer 'CHOLIC ACID' 'C24 H40 O5'
CL non-polymer 'CHLORIDE ION' 'Cl -1'
FDE non-polymer 'FE(III) DEUTEROPORPHYRIN IX' 'C30 H28 Fe N4 O4'
FES non-polymer 'FE2/S2 (INORGANIC) CLUSTER' 'Fe2 S2'
GOL non-polymer GLYCEROL 'C3 H8 O3'
IMD non-polymer IMIDAZOLE 'C3 H5 N2 1'
OXY non-polymer 'OXYGEN MOLECULE' O2
SO4 non-polymer 'SULFATE ION' 'O4 S -2'
#
# COMPACT_ATOMS: atom_id res chain seq x y z
N ARG A 1 36.88 -1.34 -28.56
CA ARG A 1 35.72 -0.68 -29.21
C ARG A 1 34.96 0.23 -28.23
N LYS A 2 34.37 1.29 -28.75
CA LYS A 2 33.64 2.25 -27.92
C LYS A 2 32.25 1.79 -27.50
N PRO A 3 31.75 2.29 -26.37
CA PRO A 3 30.43 1.95 -25.82
C PRO A 3 29.28 2.60 -26.60
N LYS A 4 28.28 1.79 -26.92
CA LYS A 4 27.12 2.24 -27.68
C LYS A 4 25.96 2.64 -26.74
N THR A 5 25.53 1.70 -25.91
CA THR A 5 24.44 1.91 -24.95
C THR A 5 24.93 2.01 -23.52
N GLY A 6 24.75 3.16 -22.89
CA GLY A 6 25.18 3.33 -21.51
C GLY A 6 24.06 3.21 -20.49
N ILE A 7 24.32 2.52 -19.38
CA ILE A 7 23.35 2.34 -18.32
C ILE A 7 23.80 3.01 -17.03
N LEU A 8 23.10 4.07 -16.62
CA LEU A 8 23.42 4.81 -15.41
C LEU A 8 22.61 4.30 -14.21
N MET A 9 23.29 3.64 -13.28
CA MET A 9 22.65 3.09 -12.09
C MET A 9 22.60 4.13 -10.97
N LEU A 10 21.38 4.58 -10.65
CA LEU A 10 21.17 5.61 -9.64
C LEU A 10 20.85 5.08 -8.26
N ASN A 11 21.44 5.72 -7.25
CA ASN A 11 21.22 5.35 -5.84
C ASN A 11 21.81 6.47 -4.99
N MET A 12 21.43 6.53 -3.72
CA MET A 12 21.94 7.58 -2.83
C MET A 12 23.41 7.35 -2.51
N GLY A 13 23.85 6.10 -2.66
CA GLY A 13 25.23 5.77 -2.35
C GLY A 13 25.37 5.70 -0.85
N GLY A 14 26.60 5.51 -0.38
CA GLY A 14 26.83 5.44 1.06
C GLY A 14 28.28 5.58 1.44
N PRO A 15 28.58 6.03 2.66
CA PRO A 15 29.97 6.19 3.09
C PRO A 15 30.71 4.85 3.09
N GLU A 16 31.79 4.78 2.31
CA GLU A 16 32.60 3.57 2.18
C GLU A 16 33.35 3.24 3.47
N THR A 17 33.79 4.28 4.18
CA THR A 17 34.50 4.11 5.44
C THR A 17 33.92 5.12 6.41
N LEU A 18 34.27 5.03 7.68
CA LEU A 18 33.74 5.96 8.67
C LEU A 18 34.20 7.39 8.41
N GLY A 19 35.23 7.53 7.58
CA GLY A 19 35.74 8.85 7.26
C GLY A 19 34.90 9.58 6.23
N ASP A 20 34.16 8.85 5.42
CA ASP A 20 33.33 9.44 4.38
C ASP A 20 31.95 9.86 4.88
N VAL A 21 31.70 9.72 6.19
CA VAL A 21 30.41 10.06 6.75
C VAL A 21 30.03 11.53 6.72
N HIS A 22 30.99 12.41 7.00
CA HIS A 22 30.72 13.84 7.00
C HIS A 22 30.27 14.39 5.65
N ASP A 23 31.01 14.10 4.59
CA ASP A 23 30.64 14.61 3.27
C ASP A 23 29.33 14.00 2.77
N PHE A 24 29.07 12.77 3.18
CA PHE A 24 27.84 12.06 2.81
C PHE A 24 26.66 12.84 3.37
N LEU A 25 26.69 13.11 4.67
CA LEU A 25 25.64 13.86 5.33
C LEU A 25 25.55 15.27 4.79
N LEU A 26 26.71 15.87 4.55
CA LEU A 26 26.79 17.22 4.02
C LEU A 26 25.96 17.35 2.75
N ARG A 27 26.29 16.53 1.74
CA ARG A 27 25.58 16.57 0.47
C ARG A 27 24.10 16.22 0.64
N LEU A 28 23.80 15.36 1.63
CA LEU A 28 22.43 14.95 1.88
C LEU A 28 21.58 16.10 2.38
N PHE A 29 22.02 16.80 3.44
CA PHE A 29 21.24 17.91 3.94
C PHE A 29 21.21 19.12 3.00
N LEU A 30 22.07 19.11 1.98
CA LEU A 30 22.09 20.21 1.01
C LEU A 30 21.11 19.92 -0.13
N ASP A 31 20.62 18.68 -0.20
CA ASP A 31 19.69 18.25 -1.26
C ASP A 31 18.32 18.92 -1.12
N ARG A 32 18.07 19.87 -2.01
CA ARG A 32 16.82 20.62 -2.01
C ARG A 32 15.65 19.77 -2.49
N ASP A 33 15.97 18.67 -3.18
CA ASP A 33 14.94 17.78 -3.69
C ASP A 33 14.47 16.84 -2.57
N LEU A 34 15.31 16.71 -1.55
CA LEU A 34 15.02 15.86 -0.42
C LEU A 34 14.31 16.61 0.71
N MET A 35 14.76 17.83 0.97
CA MET A 35 14.16 18.64 2.02
C MET A 35 14.46 20.11 1.79
N THR A 36 13.60 20.97 2.32
CA THR A 36 13.79 22.41 2.20
C THR A 36 13.85 23.03 3.58
N LEU A 37 14.97 23.70 3.85
CA LEU A 37 15.20 24.35 5.13
C LEU A 37 15.48 25.83 4.92
N PRO A 38 15.32 26.65 5.96
CA PRO A 38 15.58 28.09 5.83
C PRO A 38 17.11 28.21 5.77
N ILE A 39 17.61 29.15 4.99
CA ILE A 39 19.07 29.34 4.86
C ILE A 39 19.76 27.97 4.92
N GLN A 40 19.36 27.09 4.02
CA GLN A 40 19.88 25.73 3.95
C GLN A 40 21.39 25.64 3.75
N ASN A 41 21.92 26.47 2.86
CA ASN A 41 23.36 26.46 2.59
C ASN A 41 24.22 26.72 3.83
N LYS A 42 23.62 27.27 4.88
CA LYS A 42 24.34 27.56 6.12
C LYS A 42 24.03 26.52 7.18
N LEU A 43 22.76 26.12 7.22
CA LEU A 43 22.29 25.14 8.19
C LEU A 43 22.77 23.72 7.90
N ALA A 44 22.87 23.37 6.62
CA ALA A 44 23.31 22.03 6.23
C ALA A 44 24.66 21.67 6.86
N PRO A 45 25.70 22.49 6.65
CA PRO A 45 27.02 22.19 7.22
C PRO A 45 26.94 21.89 8.72
N PHE A 46 26.12 22.64 9.43
CA PHE A 46 25.95 22.45 10.87
C PHE A 46 25.32 21.10 11.19
N ILE A 47 24.17 20.83 10.61
CA ILE A 47 23.48 19.56 10.86
C ILE A 47 24.41 18.40 10.57
N ALA A 48 25.07 18.44 9.42
CA ALA A 48 26.00 17.39 9.01
C ALA A 48 27.08 17.12 10.05
N LYS A 49 27.68 18.20 10.56
CA LYS A 49 28.74 18.08 11.57
C LYS A 49 28.17 17.56 12.88
N ARG A 50 26.98 18.03 13.22
CA ARG A 50 26.29 17.65 14.46
C ARG A 50 25.80 16.20 14.51
N ARG A 51 25.57 15.58 13.34
CA ARG A 51 25.10 14.20 13.30
C ARG A 51 26.14 13.15 12.93
N THR A 52 27.28 13.59 12.41
CA THR A 52 28.33 12.67 12.00
C THR A 52 28.69 11.61 13.06
N PRO A 53 28.91 12.05 14.32
CA PRO A 53 29.26 11.07 15.37
C PRO A 53 28.29 9.90 15.45
N LYS A 54 27.00 10.22 15.58
CA LYS A 54 25.95 9.21 15.66
C LYS A 54 25.94 8.29 14.44
N ILE A 55 26.04 8.86 13.25
CA ILE A 55 26.03 8.05 12.03
C ILE A 55 27.30 7.20 11.90
N GLN A 56 28.44 7.74 12.34
CA GLN A 56 29.68 6.95 12.26
C GLN A 56 29.50 5.76 13.19
N GLU A 57 28.95 6.03 14.37
CA GLU A 57 28.71 4.99 15.35
C GLU A 57 27.79 3.91 14.76
N GLN A 58 26.75 4.34 14.06
CA GLN A 58 25.82 3.40 13.46
C GLN A 58 26.50 2.55 12.40
N TYR A 59 27.25 3.18 11.52
CA TYR A 59 27.94 2.40 10.49
C TYR A 59 29.00 1.47 11.07
N ARG A 60 29.58 1.84 12.21
CA ARG A 60 30.59 0.97 12.82
C ARG A 60 29.90 -0.30 13.31
N ARG A 61 28.70 -0.14 13.87
CA ARG A 61 27.94 -1.27 14.38
C ARG A 61 27.61 -2.27 13.27
N ILE A 62 27.75 -1.86 12.01
CA ILE A 62 27.45 -2.77 10.92
C ILE A 62 28.66 -3.13 10.05
N GLY A 63 29.86 -2.94 10.58
CA GLY A 63 31.04 -3.28 9.81
C GLY A 63 32.00 -2.15 9.51
N GLY A 64 31.60 -0.91 9.80
CA GLY A 64 32.49 0.21 9.55
C GLY A 64 32.15 1.03 8.32
N GLY A 65 31.09 0.66 7.61
CA GLY A 65 30.71 1.42 6.43
C GLY A 65 29.62 0.76 5.60
N SER A 66 29.39 1.32 4.43
CA SER A 66 28.39 0.80 3.51
C SER A 66 29.08 0.11 2.36
N PRO A 67 28.59 -1.06 1.94
CA PRO A 67 29.21 -1.82 0.83
C PRO A 67 28.46 -1.60 -0.48
N ILE A 68 27.59 -0.59 -0.53
CA ILE A 68 26.81 -0.33 -1.73
C ILE A 68 27.60 -0.17 -3.03
N LYS A 69 28.77 0.47 -2.97
CA LYS A 69 29.57 0.67 -4.17
C LYS A 69 30.05 -0.65 -4.78
N ILE A 70 30.55 -1.55 -3.94
CA ILE A 70 31.05 -2.85 -4.37
C ILE A 70 29.95 -3.73 -4.96
N TRP A 71 28.80 -3.78 -4.30
CA TRP A 71 27.69 -4.60 -4.78
C TRP A 71 27.07 -4.05 -6.07
N THR A 72 27.05 -2.73 -6.22
CA THR A 72 26.49 -2.12 -7.43
C THR A 72 27.39 -2.40 -8.63
N SER A 73 28.70 -2.43 -8.40
CA SER A 73 29.66 -2.72 -9.46
C SER A 73 29.47 -4.16 -9.89
N LYS A 74 29.43 -5.06 -8.91
CA LYS A 74 29.24 -6.48 -9.16
C LYS A 74 27.97 -6.70 -9.98
N GLN A 75 26.86 -6.16 -9.49
CA GLN A 75 25.59 -6.31 -10.21
C GLN A 75 25.68 -5.64 -11.58
N GLY A 76 26.38 -4.51 -11.64
CA GLY A 76 26.53 -3.79 -12.90
C GLY A 76 27.25 -4.62 -13.94
N GLU A 77 28.38 -5.22 -13.56
CA GLU A 77 29.16 -6.05 -14.48
C GLU A 77 28.31 -7.23 -14.93
N GLY A 78 27.58 -7.82 -13.98
CA GLY A 78 26.75 -8.95 -14.31
C GLY A 78 25.60 -8.57 -15.23
N MET A 79 25.11 -7.34 -15.08
CA MET A 79 24.01 -6.85 -15.90
C MET A 79 24.52 -6.59 -17.32
N VAL A 80 25.63 -5.87 -17.43
CA VAL A 80 26.24 -5.56 -18.72
C VAL A 80 26.58 -6.81 -19.51
N LYS A 81 27.23 -7.77 -18.86
CA LYS A 81 27.63 -9.00 -19.51
C LYS A 81 26.43 -9.74 -20.08
N LEU A 82 25.31 -9.70 -19.36
CA LEU A 82 24.09 -10.38 -19.81
C LEU A 82 23.36 -9.61 -20.91
N LEU A 83 23.52 -8.28 -20.93
CA LEU A 83 22.88 -7.46 -21.95
C LEU A 83 23.49 -7.70 -23.32
N ASP A 84 24.82 -7.65 -23.38
CA ASP A 84 25.52 -7.85 -24.64
C ASP A 84 25.04 -9.08 -25.40
N GLU A 85 24.40 -10.02 -24.70
CA GLU A 85 23.88 -11.22 -25.34
C GLU A 85 22.39 -11.07 -25.64
N LEU A 86 21.65 -10.45 -24.72
CA LEU A 86 20.21 -10.25 -24.87
C LEU A 86 19.88 -9.22 -25.95
N SER A 87 20.66 -8.15 -26.00
CA SER A 87 20.42 -7.09 -26.99
C SER A 87 21.67 -6.76 -27.81
N PRO A 88 21.96 -7.59 -28.83
CA PRO A 88 23.13 -7.38 -29.69
C PRO A 88 23.08 -6.05 -30.44
N ASN A 89 21.88 -5.63 -30.84
CA ASN A 89 21.70 -4.38 -31.56
C ASN A 89 22.15 -3.15 -30.79
N THR A 90 22.00 -3.16 -29.47
CA THR A 90 22.42 -2.01 -28.68
C THR A 90 23.82 -2.23 -28.10
N ALA A 91 24.33 -3.45 -28.23
CA ALA A 91 25.66 -3.79 -27.73
C ALA A 91 26.75 -3.03 -28.49
N PRO A 92 27.89 -2.75 -27.83
CA PRO A 92 28.23 -3.08 -26.45
C PRO A 92 27.62 -2.12 -25.43
N HIS A 93 27.30 -2.65 -24.24
CA HIS A 93 26.73 -1.81 -23.19
C HIS A 93 27.79 -1.52 -22.13
N LYS A 94 27.61 -0.41 -21.41
CA LYS A 94 28.53 -0.02 -20.35
C LYS A 94 27.74 0.58 -19.19
N TYR A 95 27.99 0.10 -17.97
CA TYR A 95 27.28 0.61 -16.81
C TYR A 95 28.09 1.70 -16.15
N TYR A 96 27.41 2.69 -15.58
CA TYR A 96 28.07 3.78 -14.88
C TYR A 96 27.38 3.85 -13.53
N ILE A 97 28.11 4.28 -12.50
CA ILE A 97 27.53 4.39 -11.17
C ILE A 97 27.23 5.82 -10.86
N GLY A 98 25.97 6.11 -10.58
CA GLY A 98 25.58 7.48 -10.26
C GLY A 98 25.02 7.62 -8.85
N PHE A 99 25.89 7.79 -7.87
CA PHE A 99 25.44 7.96 -6.49
C PHE A 99 25.11 9.42 -6.26
N ARG A 100 24.14 9.67 -5.39
CA ARG A 100 23.68 11.01 -5.12
C ARG A 100 24.52 11.80 -4.12
N TYR A 101 24.96 11.14 -3.05
CA TYR A 101 25.67 11.83 -2.00
C TYR A 101 27.15 11.49 -1.79
N VAL A 102 27.72 10.65 -2.64
CA VAL A 102 29.13 10.29 -2.53
C VAL A 102 29.68 9.92 -3.90
N HIS A 103 31.00 10.01 -4.04
CA HIS A 103 31.67 9.68 -5.30
C HIS A 103 31.49 8.19 -5.56
N PRO A 104 31.23 7.79 -6.83
CA PRO A 104 31.09 8.60 -8.05
C PRO A 104 29.75 9.32 -8.08
N LEU A 105 29.78 10.64 -7.99
CA LEU A 105 28.56 11.47 -8.02
C LEU A 105 27.79 11.33 -9.32
N THR A 106 26.50 11.65 -9.26
CA THR A 106 25.63 11.56 -10.44
C THR A 106 26.20 12.39 -11.59
N GLU A 107 26.54 13.63 -11.28
CA GLU A 107 27.11 14.54 -12.25
C GLU A 107 28.38 13.98 -12.86
N GLU A 108 29.28 13.46 -12.01
CA GLU A 108 30.53 12.90 -12.47
C GLU A 108 30.29 11.79 -13.48
N ALA A 109 29.23 11.01 -13.25
CA ALA A 109 28.90 9.91 -14.15
C ALA A 109 28.36 10.40 -15.49
N ILE A 110 27.48 11.40 -15.44
CA ILE A 110 26.90 11.95 -16.66
C ILE A 110 28.02 12.56 -17.49
N GLU A 111 28.80 13.43 -16.86
CA GLU A 111 29.93 14.10 -17.50
C GLU A 111 30.83 13.10 -18.22
N GLU A 112 30.99 11.91 -17.64
CA GLU A 112 31.83 10.90 -18.25
C GLU A 112 31.08 10.15 -19.34
N MET A 113 29.76 10.06 -19.20
CA MET A 113 28.95 9.39 -20.22
C MET A 113 29.04 10.17 -21.53
N GLU A 114 29.12 11.49 -21.42
CA GLU A 114 29.24 12.32 -22.63
C GLU A 114 30.54 11.98 -23.35
N ARG A 115 31.65 12.14 -22.64
CA ARG A 115 32.98 11.87 -23.19
C ARG A 115 33.10 10.55 -23.93
N ASP A 116 32.46 9.51 -23.42
CA ASP A 116 32.50 8.18 -24.05
C ASP A 116 31.77 8.17 -25.39
N GLY A 117 31.06 9.26 -25.68
CA GLY A 117 30.33 9.36 -26.92
C GLY A 117 29.23 8.34 -27.10
N LEU A 118 28.39 8.17 -26.09
CA LEU A 118 27.27 7.23 -26.14
C LEU A 118 26.20 7.77 -27.09
N GLU A 119 25.44 6.87 -27.70
CA GLU A 119 24.37 7.29 -28.59
C GLU A 119 23.04 6.90 -27.94
N ARG A 120 23.09 6.61 -26.64
CA ARG A 120 21.92 6.23 -25.88
C ARG A 120 22.29 6.07 -24.40
N ALA A 121 21.56 6.75 -23.53
CA ALA A 121 21.79 6.69 -22.09
C ALA A 121 20.49 6.34 -21.37
N ILE A 122 20.56 5.40 -20.44
CA ILE A 122 19.38 4.96 -19.68
C ILE A 122 19.54 5.25 -18.18
N ALA A 123 18.71 6.14 -17.65
CA ALA A 123 18.77 6.45 -16.22
C ALA A 123 17.97 5.32 -15.55
N PHE A 124 18.70 4.42 -14.88
CA PHE A 124 18.11 3.24 -14.24
C PHE A 124 18.17 3.34 -12.72
N THR A 125 17.04 3.61 -12.09
CA THR A 125 17.03 3.74 -10.64
C THR A 125 17.19 2.38 -9.96
N GLN A 126 17.93 2.34 -8.85
CA GLN A 126 18.11 1.09 -8.13
C GLN A 126 17.09 0.96 -7.00
N TYR A 127 16.14 1.89 -6.92
CA TYR A 127 15.09 1.79 -5.93
C TYR A 127 13.91 1.25 -6.70
N PRO A 128 13.43 0.05 -6.35
CA PRO A 128 12.29 -0.51 -7.09
C PRO A 128 11.03 0.34 -6.92
N GLN A 129 10.85 0.91 -5.74
CA GLN A 129 9.67 1.72 -5.49
C GLN A 129 10.04 3.19 -5.55
N TYR A 130 9.25 3.95 -6.29
CA TYR A 130 9.47 5.37 -6.48
C TYR A 130 9.04 6.28 -5.34
N SER A 131 9.94 7.18 -4.97
CA SER A 131 9.68 8.20 -3.97
C SER A 131 10.33 9.46 -4.53
N CYS A 132 9.71 10.63 -4.30
CA CYS A 132 10.29 11.87 -4.79
C CYS A 132 11.62 12.16 -4.08
N SER A 133 11.76 11.66 -2.86
CA SER A 133 12.99 11.88 -2.11
C SER A 133 14.13 10.93 -2.50
N THR A 134 13.82 9.89 -3.26
CA THR A 134 14.86 8.95 -3.69
C THR A 134 15.06 9.02 -5.19
N THR A 135 14.28 8.25 -5.95
CA THR A 135 14.39 8.28 -7.40
C THR A 135 14.15 9.70 -7.93
N GLY A 136 13.17 10.40 -7.35
CA GLY A 136 12.85 11.75 -7.78
C GLY A 136 14.05 12.67 -7.73
N SER A 137 14.78 12.62 -6.62
CA SER A 137 15.96 13.46 -6.45
C SER A 137 17.06 13.10 -7.44
N SER A 138 17.32 11.82 -7.63
CA SER A 138 18.36 11.39 -8.57
C SER A 138 18.01 11.80 -10.00
N LEU A 139 16.74 11.70 -10.38
CA LEU A 139 16.36 12.11 -11.73
C LEU A 139 16.43 13.64 -11.82
N ASN A 140 16.01 14.32 -10.77
CA ASN A 140 16.07 15.78 -10.75
C ASN A 140 17.52 16.25 -10.90
N ALA A 141 18.46 15.45 -10.39
CA ALA A 141 19.89 15.78 -10.48
C ALA A 141 20.38 15.72 -11.92
N ILE A 142 19.81 14.83 -12.72
CA ILE A 142 20.23 14.73 -14.10
C ILE A 142 19.81 16.01 -14.83
N TYR A 143 18.62 16.49 -14.53
CA TYR A 143 18.13 17.71 -15.16
C TYR A 143 18.91 18.91 -14.62
N ARG A 144 19.17 18.91 -13.31
CA ARG A 144 19.91 20.02 -12.69
C ARG A 144 21.33 20.12 -13.23
N TYR A 145 21.85 19.02 -13.77
CA TYR A 145 23.20 19.02 -14.30
C TYR A 145 23.26 19.80 -15.62
N TYR A 146 22.48 19.35 -16.60
CA TYR A 146 22.47 20.01 -17.91
C TYR A 146 22.02 21.47 -17.78
N ASN A 147 21.23 21.76 -16.75
CA ASN A 147 20.76 23.11 -16.53
C ASN A 147 21.79 23.93 -15.78
N GLN A 148 23.00 23.37 -15.67
CA GLN A 148 24.11 24.05 -15.00
C GLN A 148 25.21 24.26 -16.02
N VAL A 149 25.59 23.19 -16.69
CA VAL A 149 26.62 23.27 -17.71
C VAL A 149 26.06 24.06 -18.90
N GLY A 150 24.89 24.64 -18.70
CA GLY A 150 24.24 25.45 -19.73
C GLY A 150 24.09 24.82 -21.11
N ARG A 151 24.45 23.55 -21.27
CA ARG A 151 24.32 22.91 -22.58
C ARG A 151 23.30 21.78 -22.58
N LYS A 152 23.14 21.15 -23.74
CA LYS A 152 22.18 20.06 -23.89
C LYS A 152 22.83 18.69 -24.08
N PRO A 153 22.09 17.61 -23.80
CA PRO A 153 22.59 16.24 -23.94
C PRO A 153 23.07 15.94 -25.36
N THR A 154 24.15 15.18 -25.47
CA THR A 154 24.68 14.80 -26.78
C THR A 154 24.27 13.36 -27.08
N MET A 155 23.42 12.82 -26.22
CA MET A 155 22.93 11.47 -26.37
C MET A 155 21.44 11.43 -26.02
N LYS A 156 20.75 10.38 -26.43
CA LYS A 156 19.32 10.24 -26.15
C LYS A 156 19.05 9.60 -24.79
N TRP A 157 18.35 10.31 -23.91
CA TRP A 157 18.02 9.81 -22.58
C TRP A 157 16.66 9.14 -22.48
N SER A 158 16.54 8.20 -21.54
CA SER A 158 15.30 7.49 -21.27
C SER A 158 15.46 7.00 -19.85
N THR A 159 14.37 6.62 -19.19
CA THR A 159 14.48 6.17 -17.82
C THR A 159 13.58 5.03 -17.39
N ILE A 160 14.13 4.19 -16.53
CA ILE A 160 13.40 3.07 -15.92
C ILE A 160 13.29 3.69 -14.53
N ASP A 161 12.18 4.36 -14.27
CA ASP A 161 12.01 5.06 -13.01
C ASP A 161 11.38 4.29 -11.86
N ARG A 162 10.95 3.06 -12.13
CA ARG A 162 10.38 2.21 -11.11
C ARG A 162 10.11 0.80 -11.64
N TRP A 163 10.08 -0.16 -10.72
CA TRP A 163 9.83 -1.58 -11.02
C TRP A 163 9.48 -2.31 -9.71
N PRO A 164 8.42 -1.85 -9.03
CA PRO A 164 8.00 -2.46 -7.76
C PRO A 164 7.54 -3.91 -7.79
N THR A 165 7.06 -4.36 -8.94
CA THR A 165 6.58 -5.74 -9.05
C THR A 165 7.27 -6.58 -10.12
N HIS A 166 8.50 -6.25 -10.49
CA HIS A 166 9.18 -7.03 -11.51
C HIS A 166 9.28 -8.47 -11.02
N HIS A 167 8.78 -9.39 -11.84
CA HIS A 167 8.75 -10.80 -11.46
C HIS A 167 10.05 -11.41 -10.94
N LEU A 168 11.19 -11.03 -11.50
CA LEU A 168 12.46 -11.60 -11.01
C LEU A 168 12.85 -10.98 -9.67
N LEU A 169 12.37 -9.77 -9.41
CA LEU A 169 12.65 -9.11 -8.13
C LEU A 169 11.85 -9.86 -7.08
N ILE A 170 10.59 -10.14 -7.39
CA ILE A 170 9.72 -10.88 -6.48
C ILE A 170 10.28 -12.27 -6.15
N GLN A 171 10.78 -12.96 -7.17
CA GLN A 171 11.34 -14.30 -6.98
C GLN A 171 12.54 -14.22 -6.04
N CYS A 172 13.39 -13.22 -6.22
CA CYS A 172 14.54 -13.07 -5.35
C CYS A 172 14.12 -12.91 -3.89
N PHE A 173 13.14 -12.04 -3.64
CA PHE A 173 12.66 -11.80 -2.29
C PHE A 173 12.12 -13.07 -1.67
N ALA A 174 11.28 -13.79 -2.41
CA ALA A 174 10.70 -15.03 -1.90
C ALA A 174 11.80 -16.06 -1.63
N ASP A 175 12.81 -16.12 -2.50
CA ASP A 175 13.91 -17.07 -2.29
C ASP A 175 14.68 -16.76 -1.02
N HIS A 176 15.01 -15.48 -0.79
CA HIS A 176 15.74 -15.11 0.42
C HIS A 176 14.91 -15.34 1.67
N ILE A 177 13.59 -15.20 1.55
CA ILE A 177 12.70 -15.40 2.69
C ILE A 177 12.64 -16.88 3.05
N LEU A 178 12.44 -17.74 2.05
CA LEU A 178 12.39 -19.18 2.31
C LEU A 178 13.71 -19.63 2.94
N LYS A 179 14.81 -19.19 2.35
CA LYS A 179 16.14 -19.53 2.84
C LYS A 179 16.35 -19.14 4.28
N GLU A 180 15.77 -18.01 4.70
CA GLU A 180 15.92 -17.55 6.08
C GLU A 180 14.97 -18.29 7.00
N LEU A 181 13.79 -18.63 6.51
CA LEU A 181 12.81 -19.36 7.29
C LEU A 181 13.38 -20.70 7.75
N ASP A 182 14.28 -21.26 6.95
CA ASP A 182 14.91 -22.54 7.27
C ASP A 182 15.87 -22.44 8.44
N HIS A 183 16.20 -21.22 8.85
CA HIS A 183 17.12 -21.03 9.97
C HIS A 183 16.39 -21.03 11.31
N PHE A 184 15.06 -21.18 11.26
CA PHE A 184 14.26 -21.25 12.47
C PHE A 184 13.97 -22.73 12.71
N PRO A 185 13.71 -23.12 13.97
CA PRO A 185 13.39 -24.52 14.26
C PRO A 185 12.16 -24.86 13.43
N LEU A 186 12.13 -26.05 12.83
CA LEU A 186 10.99 -26.43 11.99
C LEU A 186 9.64 -26.53 12.71
N GLU A 187 9.66 -26.76 14.02
CA GLU A 187 8.40 -26.85 14.76
C GLU A 187 7.84 -25.47 15.09
N LYS A 188 8.52 -24.43 14.60
CA LYS A 188 8.10 -23.05 14.84
C LYS A 188 7.97 -22.25 13.53
N ARG A 189 8.36 -22.87 12.42
CA ARG A 189 8.30 -22.21 11.11
C ARG A 189 6.96 -21.55 10.81
N SER A 190 5.91 -22.35 10.86
CA SER A 190 4.55 -21.88 10.56
C SER A 190 4.04 -20.77 11.47
N GLU A 191 4.78 -20.48 12.53
CA GLU A 191 4.39 -19.42 13.46
C GLU A 191 5.21 -18.15 13.27
N VAL A 192 6.29 -18.24 12.50
CA VAL A 192 7.16 -17.09 12.25
C VAL A 192 6.39 -15.94 11.61
N VAL A 193 6.49 -14.75 12.19
CA VAL A 193 5.82 -13.58 11.65
C VAL A 193 6.76 -12.90 10.67
N ILE A 194 6.29 -12.67 9.45
CA ILE A 194 7.13 -11.99 8.48
C ILE A 194 6.85 -10.51 8.55
N LEU A 195 7.87 -9.77 8.95
CA LEU A 195 7.75 -8.33 9.06
C LEU A 195 8.49 -7.64 7.92
N PHE A 196 7.75 -7.17 6.93
CA PHE A 196 8.37 -6.45 5.81
C PHE A 196 8.68 -5.09 6.39
N SER A 197 9.92 -4.65 6.24
CA SER A 197 10.34 -3.38 6.79
C SER A 197 10.96 -2.47 5.76
N ALA A 198 10.29 -1.35 5.49
CA ALA A 198 10.78 -0.37 4.53
C ALA A 198 11.10 0.91 5.28
N HIS A 199 11.90 1.78 4.67
CA HIS A 199 12.25 3.05 5.30
C HIS A 199 11.00 3.94 5.30
N SER A 200 10.69 4.52 6.45
CA SER A 200 9.53 5.39 6.58
C SER A 200 9.73 6.69 5.82
N LEU A 201 8.64 7.45 5.69
CA LEU A 201 8.68 8.77 5.06
C LEU A 201 7.97 9.69 6.05
N PRO A 202 8.34 10.97 6.07
CA PRO A 202 7.66 11.87 7.01
C PRO A 202 6.22 12.01 6.56
N MET A 203 5.29 12.20 7.49
CA MET A 203 3.89 12.31 7.12
C MET A 203 3.62 13.48 6.20
N SER A 204 4.49 14.48 6.23
CA SER A 204 4.29 15.62 5.36
C SER A 204 4.60 15.23 3.91
N VAL A 205 5.45 14.24 3.72
CA VAL A 205 5.77 13.81 2.36
C VAL A 205 4.66 12.89 1.87
N VAL A 206 4.20 12.00 2.75
CA VAL A 206 3.12 11.08 2.40
C VAL A 206 1.87 11.88 2.00
N ASN A 207 1.45 12.81 2.87
CA ASN A 207 0.27 13.65 2.64
C ASN A 207 0.37 14.53 1.41
N ARG A 208 1.59 14.72 0.93
CA ARG A 208 1.81 15.53 -0.25
C ARG A 208 1.40 14.70 -1.47
N GLY A 209 1.35 13.38 -1.30
CA GLY A 209 0.96 12.50 -2.39
C GLY A 209 2.07 11.62 -2.96
N ASP A 210 3.10 11.34 -2.17
CA ASP A 210 4.21 10.51 -2.61
C ASP A 210 3.71 9.10 -2.95
N PRO A 211 4.12 8.56 -4.10
CA PRO A 211 3.68 7.21 -4.50
C PRO A 211 4.38 6.04 -3.80
N TYR A 212 5.43 6.31 -3.06
CA TYR A 212 6.22 5.28 -2.39
C TYR A 212 5.45 4.24 -1.54
N PRO A 213 4.67 4.67 -0.54
CA PRO A 213 3.92 3.71 0.29
C PRO A 213 3.05 2.72 -0.48
N GLN A 214 2.39 3.17 -1.54
CA GLN A 214 1.53 2.29 -2.35
C GLN A 214 2.35 1.30 -3.18
N GLU A 215 3.50 1.72 -3.69
CA GLU A 215 4.32 0.82 -4.48
C GLU A 215 5.00 -0.21 -3.58
N VAL A 216 5.42 0.21 -2.38
CA VAL A 216 6.05 -0.73 -1.46
C VAL A 216 5.01 -1.79 -1.07
N SER A 217 3.77 -1.36 -0.88
CA SER A 217 2.70 -2.28 -0.52
C SER A 217 2.46 -3.31 -1.63
N ALA A 218 2.63 -2.88 -2.88
CA ALA A 218 2.44 -3.76 -4.04
C ALA A 218 3.51 -4.83 -4.10
N THR A 219 4.75 -4.45 -3.78
CA THR A 219 5.85 -5.41 -3.79
C THR A 219 5.55 -6.48 -2.75
N VAL A 220 5.13 -6.04 -1.56
CA VAL A 220 4.80 -6.95 -0.46
C VAL A 220 3.75 -7.98 -0.85
N GLN A 221 2.68 -7.54 -1.50
CA GLN A 221 1.61 -8.44 -1.88
C GLN A 221 2.09 -9.47 -2.92
N LYS A 222 2.90 -9.02 -3.88
CA LYS A 222 3.41 -9.92 -4.91
C LYS A 222 4.27 -11.01 -4.28
N VAL A 223 5.09 -10.61 -3.31
CA VAL A 223 5.98 -11.55 -2.64
C VAL A 223 5.19 -12.59 -1.86
N MET A 224 4.16 -12.16 -1.14
CA MET A 224 3.35 -13.10 -0.37
C MET A 224 2.52 -14.04 -1.27
N GLU A 225 2.04 -13.55 -2.41
CA GLU A 225 1.28 -14.41 -3.31
C GLU A 225 2.21 -15.53 -3.78
N ARG A 226 3.44 -15.14 -4.11
CA ARG A 226 4.48 -16.06 -4.57
C ARG A 226 4.83 -17.11 -3.50
N LEU A 227 4.67 -16.75 -2.24
CA LEU A 227 4.97 -17.66 -1.13
C LEU A 227 3.71 -18.40 -0.65
N GLU A 228 2.59 -18.16 -1.30
CA GLU A 228 1.32 -18.82 -0.94
C GLU A 228 0.79 -18.38 0.42
N TYR A 229 1.20 -17.21 0.90
CA TYR A 229 0.73 -16.74 2.21
C TYR A 229 1.02 -17.83 3.24
N CYS A 230 2.20 -18.43 3.15
CA CYS A 230 2.61 -19.51 4.06
C CYS A 230 2.76 -19.04 5.51
N ASN A 231 2.99 -17.74 5.69
CA ASN A 231 3.12 -17.18 7.04
C ASN A 231 2.36 -15.87 7.16
N PRO A 232 2.07 -15.43 8.40
CA PRO A 232 1.35 -14.17 8.55
C PRO A 232 2.36 -13.04 8.34
N TYR A 233 1.91 -11.86 7.94
CA TYR A 233 2.84 -10.75 7.71
C TYR A 233 2.28 -9.35 7.98
N ARG A 234 3.17 -8.39 8.08
CA ARG A 234 2.78 -6.99 8.27
C ARG A 234 3.81 -6.12 7.57
N LEU A 235 3.39 -4.97 7.06
CA LEU A 235 4.33 -4.05 6.44
C LEU A 235 4.55 -2.94 7.48
N VAL A 236 5.77 -2.79 7.97
CA VAL A 236 6.08 -1.76 8.97
C VAL A 236 7.18 -0.85 8.42
N TRP A 237 7.39 0.30 9.05
CA TRP A 237 8.37 1.28 8.57
C TRP A 237 9.46 1.66 9.58
N GLN A 238 10.71 1.61 9.14
CA GLN A 238 11.84 1.86 10.02
C GLN A 238 12.63 3.16 9.89
N SER A 239 13.58 3.30 10.82
CA SER A 239 14.51 4.43 10.88
C SER A 239 13.86 5.82 10.89
N LYS A 240 12.79 5.96 11.66
CA LYS A 240 12.06 7.23 11.78
C LYS A 240 12.92 8.50 11.72
N VAL A 241 13.89 8.61 12.62
CA VAL A 241 14.79 9.78 12.71
C VAL A 241 14.12 11.17 12.77
N GLY A 242 14.13 11.77 13.96
CA GLY A 242 13.52 13.08 14.15
C GLY A 242 12.34 13.09 15.11
N PRO A 243 11.79 14.27 15.43
CA PRO A 243 10.65 14.43 16.33
C PRO A 243 9.29 14.53 15.64
N MET A 244 9.30 14.94 14.37
CA MET A 244 8.06 15.09 13.60
C MET A 244 7.39 13.74 13.33
N PRO A 245 6.11 13.76 12.90
CA PRO A 245 5.39 12.51 12.61
C PRO A 245 5.78 11.86 11.30
N TRP A 246 6.06 10.56 11.36
CA TRP A 246 6.43 9.74 10.20
C TRP A 246 5.42 8.63 10.06
N LEU A 247 5.35 8.02 8.88
CA LEU A 247 4.40 6.93 8.66
C LEU A 247 4.77 5.73 9.51
N GLY A 248 3.81 5.23 10.27
CA GLY A 248 4.06 4.08 11.12
C GLY A 248 3.18 2.94 10.63
N PRO A 249 3.17 1.79 11.31
CA PRO A 249 3.93 1.51 12.55
C PRO A 249 5.44 1.44 12.37
N GLN A 250 6.17 1.86 13.40
CA GLN A 250 7.62 1.82 13.38
C GLN A 250 8.06 0.40 13.64
N THR A 251 9.13 -0.02 12.98
CA THR A 251 9.63 -1.39 13.15
C THR A 251 9.95 -1.66 14.60
N ASP A 252 10.63 -0.71 15.27
CA ASP A 252 10.98 -0.88 16.68
C ASP A 252 9.79 -1.22 17.56
N GLU A 253 8.78 -0.35 17.57
CA GLU A 253 7.60 -0.61 18.40
C GLU A 253 6.80 -1.84 17.97
N SER A 254 6.80 -2.18 16.69
CA SER A 254 6.06 -3.36 16.23
C SER A 254 6.67 -4.65 16.79
N ILE A 255 8.01 -4.70 16.80
CA ILE A 255 8.70 -5.87 17.33
C ILE A 255 8.39 -6.00 18.83
N LYS A 256 8.47 -4.90 19.55
CA LYS A 256 8.18 -4.91 20.99
C LYS A 256 6.72 -5.31 21.19
N GLY A 257 5.83 -4.71 20.41
CA GLY A 257 4.42 -5.03 20.53
C GLY A 257 4.11 -6.49 20.20
N LEU A 258 4.70 -6.99 19.12
CA LEU A 258 4.47 -8.38 18.74
C LEU A 258 4.95 -9.35 19.81
N CYS A 259 6.07 -9.02 20.47
CA CYS A 259 6.58 -9.90 21.53
C CYS A 259 5.72 -9.83 22.78
N GLU A 260 5.18 -8.65 23.08
CA GLU A 260 4.32 -8.47 24.24
C GLU A 260 3.00 -9.22 24.04
N ARG A 261 2.80 -9.75 22.83
CA ARG A 261 1.58 -10.47 22.52
C ARG A 261 1.82 -11.92 22.11
N GLY A 262 2.92 -12.48 22.58
CA GLY A 262 3.22 -13.87 22.31
C GLY A 262 3.90 -14.28 21.02
N ARG A 263 4.16 -13.33 20.12
CA ARG A 263 4.82 -13.66 18.86
C ARG A 263 6.33 -13.65 19.09
N LYS A 264 6.87 -14.82 19.39
CA LYS A 264 8.28 -14.99 19.70
C LYS A 264 9.25 -15.06 18.52
N ASN A 265 8.81 -15.55 17.37
CA ASN A 265 9.68 -15.65 16.21
C ASN A 265 9.34 -14.68 15.09
N ILE A 266 10.24 -13.74 14.85
CA ILE A 266 10.04 -12.69 13.86
C ILE A 266 11.11 -12.67 12.76
N LEU A 267 10.67 -12.57 11.52
CA LEU A 267 11.58 -12.54 10.37
C LEU A 267 11.47 -11.19 9.68
N LEU A 268 12.53 -10.40 9.76
CA LEU A 268 12.54 -9.07 9.15
C LEU A 268 12.99 -9.11 7.70
N VAL A 269 12.26 -8.42 6.82
CA VAL A 269 12.62 -8.38 5.42
C VAL A 269 12.82 -6.96 4.90
N PRO A 270 14.02 -6.66 4.38
CA PRO A 270 14.35 -5.34 3.84
C PRO A 270 13.73 -5.29 2.44
N ILE A 271 12.47 -4.89 2.38
CA ILE A 271 11.71 -4.86 1.14
C ILE A 271 11.87 -3.67 0.19
N ALA A 272 12.52 -2.58 0.62
CA ALA A 272 12.61 -1.41 -0.25
C ALA A 272 13.98 -0.82 -0.51
N PHE A 273 15.03 -1.46 -0.02
CA PHE A 273 16.38 -0.99 -0.26
C PHE A 273 17.16 -2.28 -0.43
N THR A 274 17.75 -2.47 -1.61
CA THR A 274 18.45 -3.69 -1.99
C THR A 274 19.88 -3.98 -1.52
N SER A 275 20.36 -3.24 -0.53
CA SER A 275 21.70 -3.47 -0.03
C SER A 275 21.71 -3.21 1.46
N ASP A 276 22.72 -3.74 2.16
CA ASP A 276 22.81 -3.56 3.61
C ASP A 276 22.78 -2.10 4.03
N HIS A 277 22.08 -1.84 5.14
CA HIS A 277 21.96 -0.49 5.69
C HIS A 277 21.87 -0.59 7.20
N ILE A 278 21.72 0.55 7.87
CA ILE A 278 21.62 0.58 9.32
C ILE A 278 20.42 -0.23 9.78
N GLU A 279 20.62 -1.07 10.79
CA GLU A 279 19.56 -1.92 11.31
C GLU A 279 18.76 -1.25 12.41
N THR A 280 17.78 -1.97 12.95
CA THR A 280 16.91 -1.43 13.99
C THR A 280 17.47 -1.55 15.40
N LEU A 281 16.78 -0.92 16.34
CA LEU A 281 17.17 -0.90 17.74
C LEU A 281 17.33 -2.27 18.40
N TYR A 282 16.43 -3.21 18.11
CA TYR A 282 16.53 -4.52 18.73
C TYR A 282 17.55 -5.44 18.09
N GLU A 283 18.15 -4.99 17.00
CA GLU A 283 19.19 -5.77 16.33
C GLU A 283 20.56 -5.26 16.78
N LEU A 284 20.64 -3.96 17.06
CA LEU A 284 21.89 -3.35 17.49
C LEU A 284 22.05 -3.24 19.01
N ASP A 285 21.38 -2.25 19.61
CA ASP A 285 21.47 -2.03 21.05
C ASP A 285 21.20 -3.31 21.85
N ILE A 286 22.22 -3.81 22.52
CA ILE A 286 22.13 -5.03 23.31
C ILE A 286 21.38 -4.86 24.63
N GLU A 287 21.32 -3.63 25.14
CA GLU A 287 20.62 -3.37 26.38
C GLU A 287 19.12 -3.59 26.20
N TYR A 288 18.60 -3.21 25.04
CA TYR A 288 17.18 -3.36 24.72
C TYR A 288 16.79 -4.79 24.39
N SER A 289 17.62 -5.46 23.61
CA SER A 289 17.34 -6.84 23.21
C SER A 289 17.15 -7.73 24.43
N GLN A 290 17.87 -7.42 25.50
CA GLN A 290 17.79 -8.19 26.73
C GLN A 290 16.51 -7.90 27.52
N VAL A 291 16.18 -6.63 27.68
CA VAL A 291 14.98 -6.25 28.40
C VAL A 291 13.80 -6.96 27.72
N LEU A 292 13.77 -6.85 26.40
CA LEU A 292 12.74 -7.45 25.58
C LEU A 292 12.71 -8.97 25.78
N ALA A 293 13.88 -9.60 25.72
CA ALA A 293 14.01 -11.04 25.86
C ALA A 293 13.52 -11.58 27.21
N LYS A 294 13.60 -10.77 28.26
CA LYS A 294 13.16 -11.25 29.56
C LYS A 294 11.81 -10.72 30.02
N GLU A 295 11.43 -9.53 29.58
CA GLU A 295 10.13 -8.99 29.97
C GLU A 295 9.02 -9.78 29.29
N CYS A 296 9.27 -10.23 28.05
CA CYS A 296 8.27 -11.00 27.31
C CYS A 296 8.89 -12.15 26.50
N GLY A 297 9.97 -12.72 27.03
CA GLY A 297 10.67 -13.83 26.41
C GLY A 297 10.62 -14.04 24.90
N VAL A 298 11.43 -13.30 24.16
CA VAL A 298 11.46 -13.44 22.71
C VAL A 298 12.46 -14.55 22.34
N GLU A 299 12.08 -15.39 21.38
CA GLU A 299 12.92 -16.49 20.94
C GLU A 299 13.91 -16.12 19.82
N ASN A 300 13.41 -15.91 18.61
CA ASN A 300 14.26 -15.60 17.46
C ASN A 300 13.84 -14.40 16.63
N ILE A 301 14.79 -13.50 16.38
CA ILE A 301 14.56 -12.34 15.53
C ILE A 301 15.67 -12.40 14.48
N ARG A 302 15.28 -12.63 13.22
CA ARG A 302 16.26 -12.73 12.13
C ARG A 302 15.94 -11.79 10.98
N ARG A 303 16.96 -11.43 10.20
CA ARG A 303 16.81 -10.54 9.05
C ARG A 303 17.23 -11.27 7.78
N ALA A 304 16.35 -11.31 6.79
CA ALA A 304 16.64 -11.96 5.52
C ALA A 304 17.80 -11.22 4.86
N GLU A 305 18.51 -11.88 3.96
CA GLU A 305 19.64 -11.27 3.28
C GLU A 305 19.21 -10.20 2.29
N SER A 306 20.10 -9.24 2.05
CA SER A 306 19.81 -8.17 1.11
C SER A 306 20.05 -8.74 -0.28
N LEU A 307 19.33 -8.24 -1.28
CA LEU A 307 19.52 -8.71 -2.63
C LEU A 307 20.85 -8.10 -3.09
N ASN A 308 21.93 -8.52 -2.45
CA ASN A 308 23.26 -8.01 -2.74
C ASN A 308 23.90 -8.63 -3.98
N GLY A 309 24.43 -9.84 -3.83
CA GLY A 309 25.09 -10.49 -4.94
C GLY A 309 24.34 -11.60 -5.68
N ASN A 310 23.14 -11.92 -5.24
CA ASN A 310 22.35 -12.95 -5.89
C ASN A 310 22.39 -12.73 -7.41
N PRO A 311 22.90 -13.72 -8.16
CA PRO A 311 22.98 -13.59 -9.63
C PRO A 311 21.62 -13.41 -10.27
N LEU A 312 20.59 -14.01 -9.66
CA LEU A 312 19.23 -13.89 -10.19
C LEU A 312 18.80 -12.44 -10.15
N PHE A 313 19.55 -11.61 -9.41
CA PHE A 313 19.26 -10.19 -9.32
C PHE A 313 19.81 -9.54 -10.58
N SER A 314 21.05 -9.88 -10.92
CA SER A 314 21.68 -9.35 -12.12
C SER A 314 20.77 -9.70 -13.30
N LYS A 315 20.22 -10.90 -13.27
CA LYS A 315 19.32 -11.32 -14.34
C LYS A 315 18.05 -10.46 -14.31
N ALA A 316 17.68 -9.97 -13.13
CA ALA A 316 16.49 -9.12 -13.02
C ALA A 316 16.84 -7.76 -13.61
N LEU A 317 18.00 -7.24 -13.25
CA LEU A 317 18.47 -5.95 -13.72
C LEU A 317 18.58 -5.92 -15.24
N ALA A 318 19.10 -7.00 -15.81
CA ALA A 318 19.29 -7.10 -17.25
C ALA A 318 17.96 -7.29 -17.98
N ASP A 319 17.06 -8.09 -17.41
CA ASP A 319 15.77 -8.31 -18.04
C ASP A 319 14.98 -7.00 -18.11
N LEU A 320 15.21 -6.12 -17.15
CA LEU A 320 14.53 -4.83 -17.11
C LEU A 320 15.01 -3.88 -18.18
N VAL A 321 16.33 -3.75 -18.30
CA VAL A 321 16.93 -2.88 -19.31
C VAL A 321 16.52 -3.37 -20.70
N HIS A 322 16.58 -4.68 -20.91
CA HIS A 322 16.21 -5.27 -22.18
C HIS A 322 14.76 -4.93 -22.55
N SER A 323 13.83 -5.21 -21.63
CA SER A 323 12.42 -4.92 -21.86
C SER A 323 12.20 -3.44 -22.12
N HIS A 324 12.96 -2.62 -21.39
CA HIS A 324 12.86 -1.17 -21.53
C HIS A 324 13.25 -0.76 -22.94
N ILE A 325 14.38 -1.30 -23.42
CA ILE A 325 14.86 -0.97 -24.75
C ILE A 325 13.93 -1.40 -25.87
N GLN A 326 13.28 -2.54 -25.72
CA GLN A 326 12.39 -3.01 -26.78
C GLN A 326 10.98 -2.41 -26.75
N SER A 327 10.62 -1.77 -25.65
CA SER A 327 9.30 -1.17 -25.54
C SER A 327 9.35 0.24 -26.12
N ASN A 328 10.56 0.80 -26.16
CA ASN A 328 10.77 2.16 -26.66
C ASN A 328 10.21 3.29 -25.80
N GLU A 329 9.78 2.97 -24.58
CA GLU A 329 9.23 4.00 -23.70
C GLU A 329 10.37 4.89 -23.20
N LEU A 330 10.05 6.13 -22.86
CA LEU A 330 11.05 7.06 -22.37
C LEU A 330 11.02 7.15 -20.86
N CYS A 331 9.89 6.76 -20.27
CA CYS A 331 9.70 6.75 -18.82
C CYS A 331 8.37 6.06 -18.58
N SER A 332 8.05 5.75 -17.33
CA SER A 332 6.78 5.10 -17.04
C SER A 332 5.68 6.14 -17.13
N LYS A 333 4.45 5.69 -17.32
CA LYS A 333 3.33 6.60 -17.40
C LYS A 333 3.22 7.38 -16.07
N GLN A 334 3.52 6.71 -14.96
CA GLN A 334 3.46 7.34 -13.64
C GLN A 334 4.35 8.57 -13.47
N LEU A 335 5.45 8.63 -14.21
CA LEU A 335 6.35 9.78 -14.10
C LEU A 335 5.71 11.02 -14.73
N THR A 336 4.73 10.82 -15.61
CA THR A 336 4.07 11.95 -16.27
C THR A 336 3.11 12.69 -15.34
N LEU A 337 2.89 12.14 -14.14
CA LEU A 337 2.00 12.77 -13.16
C LEU A 337 2.78 13.15 -11.90
N SER A 338 2.79 14.44 -11.57
CA SER A 338 3.48 14.91 -10.38
C SER A 338 2.56 14.78 -9.17
N CYS A 339 3.14 14.74 -7.98
CA CYS A 339 2.35 14.62 -6.77
C CYS A 339 1.25 15.68 -6.73
N PRO A 340 0.09 15.34 -6.17
CA PRO A 340 -1.03 16.28 -6.09
C PRO A 340 -0.65 17.60 -5.43
N LEU A 341 0.18 17.55 -4.39
CA LEU A 341 0.60 18.77 -3.69
C LEU A 341 2.08 19.11 -3.81
N CYS A 342 2.65 18.86 -4.99
CA CYS A 342 4.05 19.15 -5.26
C CYS A 342 4.34 20.65 -5.18
N VAL A 343 5.45 21.03 -4.55
CA VAL A 343 5.83 22.43 -4.45
C VAL A 343 7.30 22.63 -4.84
N ASN A 344 7.79 21.70 -5.64
CA ASN A 344 9.16 21.72 -6.14
C ASN A 344 9.08 21.95 -7.63
N PRO A 345 9.28 23.20 -8.08
CA PRO A 345 9.22 23.55 -9.51
C PRO A 345 10.16 22.77 -10.44
N VAL A 346 11.16 22.09 -9.88
CA VAL A 346 12.09 21.34 -10.72
C VAL A 346 11.48 20.01 -11.18
N CYS A 347 10.60 19.45 -10.36
CA CYS A 347 9.95 18.18 -10.69
C CYS A 347 9.34 18.13 -12.09
N ARG A 348 8.50 19.11 -12.42
CA ARG A 348 7.87 19.11 -13.74
C ARG A 348 8.87 19.38 -14.87
N GLU A 349 10.01 19.99 -14.54
CA GLU A 349 11.04 20.24 -15.55
C GLU A 349 11.75 18.93 -15.84
N THR A 350 11.94 18.13 -14.79
CA THR A 350 12.61 16.85 -14.92
C THR A 350 11.70 15.93 -15.75
N LYS A 351 10.40 16.07 -15.52
CA LYS A 351 9.38 15.30 -16.24
C LYS A 351 9.51 15.60 -17.73
N SER A 352 9.35 16.87 -18.10
CA SER A 352 9.45 17.29 -19.50
C SER A 352 10.77 16.86 -20.15
N PHE A 353 11.85 16.88 -19.36
CA PHE A 353 13.15 16.49 -19.86
C PHE A 353 13.10 15.08 -20.45
N PHE A 354 12.48 14.15 -19.74
CA PHE A 354 12.41 12.79 -20.23
C PHE A 354 11.34 12.51 -21.28
N THR A 355 10.17 13.13 -21.15
CA THR A 355 9.11 12.89 -22.14
C THR A 355 9.38 13.62 -23.46
N SER A 356 10.28 14.60 -23.43
CA SER A 356 10.63 15.38 -24.62
C SER A 356 11.85 14.86 -25.40
N GLN A 357 12.46 13.77 -24.93
CA GLN A 357 13.64 13.21 -25.57
C GLN A 357 13.39 12.67 -26.99
N GLN A 358 14.40 12.77 -27.83
CA GLN A 358 14.31 12.31 -29.22
C GLN A 358 14.08 10.82 -29.35
N LEU A 359 13.22 10.45 -30.30
CA LEU A 359 12.86 9.06 -30.59
C LEU A 359 12.13 8.41 -29.41
N ARG B 1 -37.27 -28.05 1.10
CA ARG B 1 -35.98 -28.52 1.67
C ARG B 1 -35.30 -27.42 2.49
N LYS B 2 -34.87 -27.77 3.70
CA LYS B 2 -34.22 -26.81 4.59
C LYS B 2 -32.82 -26.42 4.11
N PRO B 3 -32.38 -25.19 4.46
CA PRO B 3 -31.06 -24.69 4.07
C PRO B 3 -29.91 -25.48 4.70
N LYS B 4 -28.91 -25.79 3.88
CA LYS B 4 -27.75 -26.56 4.31
C LYS B 4 -26.61 -25.63 4.72
N THR B 5 -26.12 -24.85 3.75
CA THR B 5 -25.03 -23.90 3.94
C THR B 5 -25.46 -22.44 3.94
N GLY B 6 -25.24 -21.76 5.08
CA GLY B 6 -25.62 -20.36 5.18
C GLY B 6 -24.45 -19.42 4.94
N ILE B 7 -24.70 -18.32 4.23
CA ILE B 7 -23.67 -17.34 3.92
C ILE B 7 -24.04 -15.98 4.51
N LEU B 8 -23.38 -15.62 5.61
CA LEU B 8 -23.62 -14.34 6.27
C LEU B 8 -22.76 -13.25 5.62
N MET B 9 -23.42 -12.28 5.00
CA MET B 9 -22.76 -11.16 4.33
C MET B 9 -22.59 -10.00 5.30
N LEU B 10 -21.35 -9.70 5.66
CA LEU B 10 -21.06 -8.67 6.62
C LEU B 10 -20.72 -7.30 6.05
N ASN B 11 -21.33 -6.27 6.61
CA ASN B 11 -21.08 -4.90 6.21
C ASN B 11 -21.60 -4.00 7.33
N MET B 12 -21.28 -2.72 7.29
CA MET B 12 -21.73 -1.80 8.32
C MET B 12 -23.17 -1.42 8.03
N GLY B 13 -23.58 -1.63 6.78
CA GLY B 13 -24.92 -1.31 6.37
C GLY B 13 -25.03 0.20 6.20
N GLY B 14 -26.26 0.69 6.20
CA GLY B 14 -26.48 2.12 6.07
C GLY B 14 -27.94 2.48 6.23
N PRO B 15 -28.24 3.70 6.69
CA PRO B 15 -29.62 4.16 6.88
C PRO B 15 -30.40 4.11 5.57
N GLU B 16 -31.51 3.36 5.59
CA GLU B 16 -32.38 3.21 4.42
C GLU B 16 -33.00 4.54 4.02
N THR B 17 -33.45 5.30 5.02
CA THR B 17 -34.05 6.61 4.78
C THR B 17 -33.38 7.56 5.74
N LEU B 18 -33.67 8.85 5.61
CA LEU B 18 -33.07 9.85 6.49
C LEU B 18 -33.55 9.66 7.93
N GLY B 19 -34.64 8.92 8.09
CA GLY B 19 -35.16 8.66 9.42
C GLY B 19 -34.30 7.69 10.21
N ASP B 20 -33.68 6.74 9.50
CA ASP B 20 -32.82 5.74 10.14
C ASP B 20 -31.43 6.26 10.53
N VAL B 21 -31.14 7.52 10.21
CA VAL B 21 -29.84 8.09 10.51
C VAL B 21 -29.41 8.07 11.98
N HIS B 22 -30.25 8.61 12.85
CA HIS B 22 -29.93 8.67 14.28
C HIS B 22 -29.53 7.33 14.91
N ASP B 23 -30.26 6.28 14.58
CA ASP B 23 -29.97 4.95 15.15
C ASP B 23 -28.76 4.30 14.48
N PHE B 24 -28.36 4.83 13.33
CA PHE B 24 -27.21 4.33 12.60
C PHE B 24 -25.98 4.85 13.34
N LEU B 25 -25.96 6.15 13.59
CA LEU B 25 -24.88 6.81 14.29
C LEU B 25 -24.77 6.33 15.73
N LEU B 26 -25.94 6.10 16.34
CA LEU B 26 -26.01 5.64 17.72
C LEU B 26 -25.21 4.36 17.90
N ARG B 27 -25.57 3.34 17.13
CA ARG B 27 -24.89 2.06 17.22
C ARG B 27 -23.43 2.25 16.83
N LEU B 28 -23.18 3.09 15.83
CA LEU B 28 -21.82 3.33 15.37
C LEU B 28 -20.94 3.85 16.51
N PHE B 29 -21.31 4.99 17.10
CA PHE B 29 -20.53 5.55 18.20
C PHE B 29 -20.50 4.73 19.49
N LEU B 30 -21.25 3.62 19.52
CA LEU B 30 -21.26 2.75 20.70
C LEU B 30 -20.32 1.56 20.50
N ASP B 31 -19.92 1.35 19.25
CA ASP B 31 -19.04 0.24 18.87
C ASP B 31 -17.62 0.40 19.40
N ARG B 32 -17.31 -0.31 20.48
CA ARG B 32 -16.00 -0.26 21.11
C ARG B 32 -14.92 -0.95 20.27
N ASP B 33 -15.36 -1.69 19.25
CA ASP B 33 -14.42 -2.36 18.36
C ASP B 33 -13.94 -1.33 17.35
N LEU B 34 -14.75 -0.29 17.17
CA LEU B 34 -14.44 0.79 16.24
C LEU B 34 -13.71 1.91 16.96
N MET B 35 -14.13 2.21 18.19
CA MET B 35 -13.50 3.28 18.95
C MET B 35 -13.83 3.19 20.44
N THR B 36 -12.96 3.80 21.25
CA THR B 36 -13.16 3.82 22.69
C THR B 36 -13.16 5.26 23.19
N LEU B 37 -14.22 5.61 23.91
CA LEU B 37 -14.39 6.96 24.46
C LEU B 37 -14.61 6.90 25.96
N PRO B 38 -14.36 8.04 26.66
CA PRO B 38 -14.57 8.07 28.10
C PRO B 38 -16.09 8.10 28.31
N ILE B 39 -16.58 7.45 29.37
CA ILE B 39 -18.03 7.40 29.62
C ILE B 39 -18.75 7.28 28.28
N GLN B 40 -18.32 6.31 27.48
CA GLN B 40 -18.88 6.09 26.15
C GLN B 40 -20.39 5.86 26.11
N ASN B 41 -20.91 5.04 27.01
CA ASN B 41 -22.34 4.76 27.03
C ASN B 41 -23.21 5.99 27.14
N LYS B 42 -22.60 7.12 27.50
CA LYS B 42 -23.36 8.35 27.64
C LYS B 42 -22.99 9.41 26.59
N LEU B 43 -21.76 9.36 26.11
CA LEU B 43 -21.32 10.32 25.08
C LEU B 43 -21.85 9.90 23.70
N ALA B 44 -21.93 8.59 23.47
CA ALA B 44 -22.42 8.08 22.19
C ALA B 44 -23.80 8.61 21.84
N PRO B 45 -24.81 8.33 22.70
CA PRO B 45 -26.16 8.82 22.39
C PRO B 45 -26.16 10.31 22.08
N PHE B 46 -25.20 11.02 22.66
CA PHE B 46 -25.09 12.46 22.45
C PHE B 46 -24.54 12.79 21.06
N ILE B 47 -23.29 12.43 20.83
CA ILE B 47 -22.63 12.68 19.55
C ILE B 47 -23.52 12.28 18.40
N ALA B 48 -24.24 11.16 18.55
CA ALA B 48 -25.14 10.68 17.52
C ALA B 48 -26.18 11.74 17.20
N LYS B 49 -26.94 12.14 18.21
CA LYS B 49 -27.98 13.15 18.04
C LYS B 49 -27.35 14.45 17.53
N ARG B 50 -26.12 14.70 17.94
CA ARG B 50 -25.40 15.90 17.55
C ARG B 50 -25.03 15.99 16.06
N ARG B 51 -24.52 14.90 15.49
CA ARG B 51 -24.11 14.88 14.07
C ARG B 51 -25.23 14.48 13.11
N THR B 52 -26.30 13.91 13.63
CA THR B 52 -27.42 13.47 12.81
C THR B 52 -27.82 14.46 11.72
N PRO B 53 -27.93 15.76 12.08
CA PRO B 53 -28.31 16.77 11.08
C PRO B 53 -27.36 16.78 9.88
N LYS B 54 -26.06 16.85 10.17
CA LYS B 54 -25.02 16.87 9.15
C LYS B 54 -25.09 15.63 8.27
N ILE B 55 -25.08 14.46 8.89
CA ILE B 55 -25.12 13.20 8.16
C ILE B 55 -26.42 13.05 7.39
N GLN B 56 -27.50 13.58 7.95
CA GLN B 56 -28.80 13.52 7.32
C GLN B 56 -28.74 14.33 6.03
N GLU B 57 -28.07 15.48 6.09
CA GLU B 57 -27.93 16.33 4.92
C GLU B 57 -27.11 15.64 3.82
N GLN B 58 -26.01 15.01 4.20
CA GLN B 58 -25.17 14.34 3.22
C GLN B 58 -25.88 13.20 2.51
N TYR B 59 -26.71 12.44 3.22
CA TYR B 59 -27.43 11.36 2.57
C TYR B 59 -28.52 11.92 1.67
N ARG B 60 -29.06 13.07 2.01
CA ARG B 60 -30.10 13.66 1.19
C ARG B 60 -29.46 14.04 -0.15
N ARG B 61 -28.22 14.52 -0.08
CA ARG B 61 -27.47 14.92 -1.27
C ARG B 61 -27.19 13.77 -2.24
N ILE B 62 -27.38 12.53 -1.82
CA ILE B 62 -27.13 11.40 -2.70
C ILE B 62 -28.34 10.52 -2.97
N GLY B 63 -29.54 11.05 -2.75
CA GLY B 63 -30.73 10.26 -3.01
C GLY B 63 -31.72 10.07 -1.87
N GLY B 64 -31.30 10.36 -0.64
CA GLY B 64 -32.21 10.20 0.47
C GLY B 64 -31.82 9.12 1.46
N GLY B 65 -30.82 8.32 1.12
CA GLY B 65 -30.36 7.27 2.00
C GLY B 65 -29.31 6.39 1.36
N SER B 66 -29.07 5.22 1.94
CA SER B 66 -28.10 4.28 1.40
C SER B 66 -28.84 3.13 0.74
N PRO B 67 -28.40 2.70 -0.45
CA PRO B 67 -29.05 1.60 -1.17
C PRO B 67 -28.36 0.25 -0.90
N ILE B 68 -27.42 0.25 0.03
CA ILE B 68 -26.67 -0.96 0.37
C ILE B 68 -27.55 -2.19 0.61
N LYS B 69 -28.60 -2.05 1.39
CA LYS B 69 -29.48 -3.20 1.67
C LYS B 69 -30.03 -3.86 0.41
N ILE B 70 -30.46 -3.06 -0.56
CA ILE B 70 -31.02 -3.60 -1.80
C ILE B 70 -29.97 -4.27 -2.69
N TRP B 71 -28.82 -3.62 -2.86
CA TRP B 71 -27.76 -4.17 -3.68
C TRP B 71 -27.20 -5.46 -3.08
N THR B 72 -27.09 -5.49 -1.76
CA THR B 72 -26.58 -6.68 -1.09
C THR B 72 -27.54 -7.86 -1.30
N SER B 73 -28.84 -7.59 -1.16
CA SER B 73 -29.85 -8.62 -1.36
C SER B 73 -29.80 -9.14 -2.79
N LYS B 74 -29.81 -8.22 -3.74
CA LYS B 74 -29.77 -8.61 -5.15
C LYS B 74 -28.46 -9.32 -5.49
N GLN B 75 -27.37 -8.95 -4.83
CA GLN B 75 -26.10 -9.62 -5.07
C GLN B 75 -26.11 -10.97 -4.39
N GLY B 76 -26.75 -11.04 -3.23
CA GLY B 76 -26.82 -12.27 -2.47
C GLY B 76 -27.61 -13.34 -3.20
N GLU B 77 -28.73 -12.94 -3.81
CA GLU B 77 -29.57 -13.87 -4.54
C GLU B 77 -28.82 -14.40 -5.76
N GLY B 78 -28.01 -13.54 -6.37
CA GLY B 78 -27.25 -13.95 -7.54
C GLY B 78 -26.11 -14.87 -7.16
N MET B 79 -25.61 -14.70 -5.95
CA MET B 79 -24.52 -15.53 -5.46
C MET B 79 -25.07 -16.93 -5.15
N VAL B 80 -26.19 -16.97 -4.44
CA VAL B 80 -26.83 -18.23 -4.09
C VAL B 80 -27.21 -19.06 -5.31
N LYS B 81 -27.93 -18.46 -6.27
CA LYS B 81 -28.35 -19.19 -7.45
C LYS B 81 -27.17 -19.81 -8.19
N LEU B 82 -26.00 -19.17 -8.09
CA LEU B 82 -24.81 -19.70 -8.75
C LEU B 82 -24.13 -20.73 -7.86
N LEU B 83 -24.27 -20.56 -6.55
CA LEU B 83 -23.67 -21.48 -5.59
C LEU B 83 -24.38 -22.83 -5.58
N ASP B 84 -25.67 -22.83 -5.91
CA ASP B 84 -26.44 -24.06 -5.95
C ASP B 84 -26.02 -24.94 -7.12
N GLU B 85 -25.39 -24.33 -8.12
CA GLU B 85 -24.92 -25.06 -9.29
C GLU B 85 -23.45 -25.42 -9.15
N LEU B 86 -22.67 -24.50 -8.57
CA LEU B 86 -21.24 -24.70 -8.40
C LEU B 86 -20.92 -25.81 -7.41
N SER B 87 -21.55 -25.76 -6.24
CA SER B 87 -21.32 -26.75 -5.20
C SER B 87 -22.62 -27.45 -4.76
N PRO B 88 -23.08 -28.45 -5.53
CA PRO B 88 -24.30 -29.18 -5.18
C PRO B 88 -24.24 -29.81 -3.78
N ASN B 89 -23.06 -30.31 -3.43
CA ASN B 89 -22.83 -30.96 -2.13
C ASN B 89 -23.18 -30.12 -0.91
N THR B 90 -22.97 -28.81 -0.98
CA THR B 90 -23.26 -27.95 0.16
C THR B 90 -24.58 -27.19 0.03
N ALA B 91 -25.33 -27.48 -1.03
CA ALA B 91 -26.62 -26.84 -1.27
C ALA B 91 -27.70 -27.55 -0.45
N PRO B 92 -28.84 -26.88 -0.18
CA PRO B 92 -29.21 -25.52 -0.57
C PRO B 92 -28.40 -24.43 0.14
N HIS B 93 -28.13 -23.35 -0.57
CA HIS B 93 -27.39 -22.24 0.01
C HIS B 93 -28.40 -21.14 0.26
N LYS B 94 -28.24 -20.44 1.38
CA LYS B 94 -29.12 -19.35 1.73
C LYS B 94 -28.23 -18.21 2.21
N TYR B 95 -28.56 -16.98 1.82
CA TYR B 95 -27.75 -15.84 2.23
C TYR B 95 -28.46 -15.05 3.30
N TYR B 96 -27.70 -14.47 4.21
CA TYR B 96 -28.26 -13.66 5.28
C TYR B 96 -27.48 -12.34 5.29
N ILE B 97 -28.17 -11.25 5.56
CA ILE B 97 -27.53 -9.96 5.60
C ILE B 97 -27.21 -9.64 7.04
N GLY B 98 -25.94 -9.34 7.31
CA GLY B 98 -25.55 -9.01 8.67
C GLY B 98 -24.95 -7.63 8.77
N PHE B 99 -25.80 -6.62 8.89
CA PHE B 99 -25.32 -5.24 8.99
C PHE B 99 -24.93 -4.98 10.43
N ARG B 100 -23.90 -4.16 10.61
CA ARG B 100 -23.39 -3.84 11.93
C ARG B 100 -24.15 -2.75 12.67
N TYR B 101 -24.58 -1.72 11.94
CA TYR B 101 -25.24 -0.60 12.61
C TYR B 101 -26.73 -0.38 12.34
N VAL B 102 -27.35 -1.21 11.51
CA VAL B 102 -28.77 -1.06 11.23
C VAL B 102 -29.39 -2.43 10.95
N HIS B 103 -30.71 -2.53 11.10
CA HIS B 103 -31.42 -3.79 10.84
C HIS B 103 -31.28 -4.14 9.36
N PRO B 104 -31.11 -5.43 9.04
CA PRO B 104 -31.03 -6.56 9.96
C PRO B 104 -29.64 -6.70 10.60
N LEU B 105 -29.57 -6.38 11.89
CA LEU B 105 -28.33 -6.45 12.66
C LEU B 105 -27.60 -7.79 12.59
N THR B 106 -26.29 -7.75 12.83
CA THR B 106 -25.45 -8.94 12.81
C THR B 106 -26.00 -10.05 13.73
N GLU B 107 -26.30 -9.66 14.96
CA GLU B 107 -26.84 -10.58 15.96
C GLU B 107 -28.17 -11.17 15.50
N GLU B 108 -28.97 -10.35 14.83
CA GLU B 108 -30.27 -10.80 14.34
C GLU B 108 -30.11 -11.88 13.28
N ALA B 109 -29.11 -11.71 12.41
CA ALA B 109 -28.86 -12.69 11.36
C ALA B 109 -28.38 -14.00 11.96
N ILE B 110 -27.51 -13.91 12.96
CA ILE B 110 -26.98 -15.11 13.60
C ILE B 110 -28.14 -15.83 14.28
N GLU B 111 -28.88 -15.08 15.09
CA GLU B 111 -30.03 -15.62 15.80
C GLU B 111 -30.96 -16.40 14.88
N GLU B 112 -31.22 -15.84 13.69
N GLU B 112 -31.22 -15.85 13.69
CA GLU B 112 -32.08 -16.50 12.72
CA GLU B 112 -32.09 -16.52 12.72
C GLU B 112 -31.35 -17.67 12.06
C GLU B 112 -31.35 -17.67 12.06
N MET B 113 -30.03 -17.56 11.96
CA MET B 113 -29.22 -18.61 11.35
C MET B 113 -29.24 -19.85 12.25
N GLU B 114 -29.25 -19.63 13.55
CA GLU B 114 -29.28 -20.73 14.52
C GLU B 114 -30.60 -21.51 14.40
N ARG B 115 -31.70 -20.78 14.17
CA ARG B 115 -33.02 -21.37 14.06
C ARG B 115 -33.26 -22.24 12.84
N ASP B 116 -32.74 -21.84 11.69
CA ASP B 116 -32.94 -22.62 10.47
C ASP B 116 -32.14 -23.91 10.53
N GLY B 117 -31.37 -24.06 11.60
CA GLY B 117 -30.56 -25.27 11.77
C GLY B 117 -29.65 -25.58 10.60
N LEU B 118 -28.66 -24.72 10.36
CA LEU B 118 -27.70 -24.91 9.27
C LEU B 118 -26.61 -25.89 9.68
N GLU B 119 -25.94 -26.46 8.70
CA GLU B 119 -24.85 -27.38 8.96
C GLU B 119 -23.54 -26.58 9.00
N ARG B 120 -23.41 -25.65 8.05
CA ARG B 120 -22.22 -24.81 7.92
C ARG B 120 -22.58 -23.32 7.75
N ALA B 121 -21.87 -22.45 8.45
CA ALA B 121 -22.09 -21.00 8.37
C ALA B 121 -20.80 -20.32 7.93
N ILE B 122 -20.90 -19.38 6.98
CA ILE B 122 -19.72 -18.68 6.48
C ILE B 122 -19.80 -17.17 6.69
N ALA B 123 -18.91 -16.62 7.51
CA ALA B 123 -18.89 -15.18 7.74
C ALA B 123 -18.12 -14.63 6.54
N PHE B 124 -18.84 -14.01 5.61
CA PHE B 124 -18.27 -13.48 4.39
C PHE B 124 -18.27 -11.95 4.41
N THR B 125 -17.10 -11.36 4.66
CA THR B 125 -17.03 -9.91 4.71
C THR B 125 -17.25 -9.33 3.31
N GLN B 126 -17.91 -8.18 3.25
CA GLN B 126 -18.18 -7.52 1.99
C GLN B 126 -17.14 -6.42 1.73
N TYR B 127 -16.18 -6.28 2.64
CA TYR B 127 -15.11 -5.30 2.45
C TYR B 127 -13.99 -6.13 1.88
N PRO B 128 -13.54 -5.82 0.66
CA PRO B 128 -12.44 -6.60 0.06
C PRO B 128 -11.14 -6.48 0.85
N GLN B 129 -10.90 -5.29 1.40
CA GLN B 129 -9.67 -5.06 2.15
C GLN B 129 -10.00 -5.02 3.62
N TYR B 130 -9.18 -5.70 4.42
CA TYR B 130 -9.36 -5.82 5.85
C TYR B 130 -8.90 -4.66 6.74
N SER B 131 -9.78 -4.25 7.65
CA SER B 131 -9.47 -3.22 8.63
C SER B 131 -10.07 -3.72 9.94
N CYS B 132 -9.40 -3.48 11.07
CA CYS B 132 -9.95 -3.93 12.34
C CYS B 132 -11.21 -3.11 12.64
N SER B 133 -11.32 -1.94 12.02
CA SER B 133 -12.49 -1.10 12.24
C SER B 133 -13.71 -1.50 11.41
N THR B 134 -13.50 -2.29 10.35
CA THR B 134 -14.61 -2.74 9.52
C THR B 134 -14.84 -4.24 9.69
N THR B 135 -14.12 -5.05 8.92
CA THR B 135 -14.25 -6.50 9.02
C THR B 135 -13.99 -6.95 10.47
N GLY B 136 -12.96 -6.38 11.10
CA GLY B 136 -12.64 -6.76 12.46
C GLY B 136 -13.83 -6.64 13.40
N SER B 137 -14.54 -5.52 13.31
CA SER B 137 -15.72 -5.28 14.15
C SER B 137 -16.86 -6.25 13.85
N SER B 138 -17.10 -6.52 12.57
CA SER B 138 -18.16 -7.46 12.21
C SER B 138 -17.84 -8.84 12.77
N LEU B 139 -16.61 -9.29 12.58
CA LEU B 139 -16.22 -10.60 13.10
C LEU B 139 -16.26 -10.59 14.63
N ASN B 140 -15.88 -9.48 15.24
CA ASN B 140 -15.91 -9.38 16.69
C ASN B 140 -17.35 -9.46 17.20
N ALA B 141 -18.29 -8.98 16.39
CA ALA B 141 -19.70 -9.01 16.78
C ALA B 141 -20.21 -10.43 16.90
N ILE B 142 -19.77 -11.29 15.99
CA ILE B 142 -20.20 -12.68 16.04
C ILE B 142 -19.70 -13.28 17.35
N TYR B 143 -18.42 -13.11 17.64
CA TYR B 143 -17.87 -13.65 18.88
C TYR B 143 -18.60 -13.03 20.08
N ARG B 144 -18.80 -11.73 20.04
CA ARG B 144 -19.50 -11.05 21.13
C ARG B 144 -20.92 -11.58 21.30
N TYR B 145 -21.52 -12.06 20.21
CA TYR B 145 -22.87 -12.61 20.30
C TYR B 145 -22.91 -13.84 21.17
N TYR B 146 -22.33 -14.93 20.69
CA TYR B 146 -22.33 -16.18 21.42
C TYR B 146 -21.87 -16.03 22.88
N ASN B 147 -21.03 -15.03 23.13
CA ASN B 147 -20.52 -14.80 24.48
C ASN B 147 -21.46 -13.95 25.34
N GLN B 148 -22.20 -13.06 24.71
CA GLN B 148 -23.13 -12.22 25.45
C GLN B 148 -24.36 -13.08 25.74
N VAL B 149 -24.65 -14.00 24.84
CA VAL B 149 -25.78 -14.91 24.99
C VAL B 149 -25.45 -15.98 26.02
N GLY B 150 -24.19 -16.38 26.06
CA GLY B 150 -23.75 -17.37 27.03
C GLY B 150 -23.76 -18.83 26.59
N ARG B 151 -23.78 -19.08 25.28
CA ARG B 151 -23.78 -20.46 24.80
C ARG B 151 -22.96 -20.64 23.52
N LYS B 152 -22.57 -21.89 23.27
CA LYS B 152 -21.77 -22.24 22.10
C LYS B 152 -22.59 -22.38 20.83
N PRO B 153 -21.96 -22.17 19.66
CA PRO B 153 -22.60 -22.27 18.35
C PRO B 153 -23.15 -23.66 18.07
N THR B 154 -24.20 -23.74 17.26
CA THR B 154 -24.82 -25.01 16.93
C THR B 154 -24.57 -25.36 15.46
N MET B 155 -23.60 -24.66 14.85
CA MET B 155 -23.25 -24.90 13.46
C MET B 155 -21.77 -24.59 13.28
N LYS B 156 -21.15 -25.18 12.28
CA LYS B 156 -19.72 -24.96 12.01
C LYS B 156 -19.44 -23.64 11.29
N TRP B 157 -18.73 -22.73 11.96
CA TRP B 157 -18.38 -21.42 11.40
C TRP B 157 -17.02 -21.39 10.70
N SER B 158 -16.91 -20.54 9.68
CA SER B 158 -15.68 -20.34 8.94
C SER B 158 -15.77 -18.91 8.44
N THR B 159 -14.72 -18.39 7.80
CA THR B 159 -14.78 -17.02 7.33
C THR B 159 -13.89 -16.69 6.14
N ILE B 160 -14.39 -15.80 5.30
CA ILE B 160 -13.65 -15.29 4.15
C ILE B 160 -13.46 -13.86 4.67
N ASP B 161 -12.34 -13.63 5.35
CA ASP B 161 -12.08 -12.34 5.97
C ASP B 161 -11.46 -11.24 5.11
N ARG B 162 -11.04 -11.57 3.90
CA ARG B 162 -10.47 -10.58 3.01
C ARG B 162 -10.23 -11.16 1.62
N TRP B 163 -10.28 -10.31 0.61
CA TRP B 163 -10.09 -10.69 -0.79
C TRP B 163 -9.71 -9.44 -1.59
N PRO B 164 -8.61 -8.78 -1.20
CA PRO B 164 -8.19 -7.56 -1.89
C PRO B 164 -7.78 -7.70 -3.35
N THR B 165 -7.37 -8.91 -3.74
CA THR B 165 -6.92 -9.13 -5.12
C THR B 165 -7.64 -10.23 -5.90
N HIS B 166 -8.87 -10.57 -5.53
CA HIS B 166 -9.60 -11.61 -6.26
C HIS B 166 -9.72 -11.22 -7.73
N HIS B 167 -9.26 -12.10 -8.61
CA HIS B 167 -9.25 -11.81 -10.05
C HIS B 167 -10.54 -11.27 -10.65
N LEU B 168 -11.69 -11.68 -10.15
CA LEU B 168 -12.94 -11.19 -10.71
C LEU B 168 -13.32 -9.83 -10.12
N LEU B 169 -12.77 -9.51 -8.96
CA LEU B 169 -13.02 -8.19 -8.35
C LEU B 169 -12.21 -7.22 -9.20
N ILE B 170 -10.97 -7.58 -9.49
CA ILE B 170 -10.11 -6.75 -10.31
C ILE B 170 -10.70 -6.51 -11.71
N GLN B 171 -11.30 -7.53 -12.30
CA GLN B 171 -11.89 -7.39 -13.62
C GLN B 171 -13.06 -6.41 -13.61
N CYS B 172 -13.83 -6.39 -12.54
CA CYS B 172 -14.95 -5.47 -12.44
C CYS B 172 -14.49 -4.01 -12.33
N PHE B 173 -13.43 -3.76 -11.58
CA PHE B 173 -12.94 -2.38 -11.44
C PHE B 173 -12.42 -1.89 -12.77
N ALA B 174 -11.64 -2.73 -13.43
CA ALA B 174 -11.07 -2.39 -14.73
C ALA B 174 -12.19 -2.08 -15.72
N ASP B 175 -13.23 -2.91 -15.74
CA ASP B 175 -14.36 -2.69 -16.64
C ASP B 175 -15.08 -1.37 -16.36
N HIS B 176 -15.36 -1.09 -15.09
CA HIS B 176 -16.03 0.15 -14.74
C HIS B 176 -15.17 1.38 -15.06
N ILE B 177 -13.86 1.24 -14.91
CA ILE B 177 -12.95 2.34 -15.18
C ILE B 177 -12.93 2.63 -16.69
N LEU B 178 -12.83 1.58 -17.50
CA LEU B 178 -12.83 1.75 -18.96
C LEU B 178 -14.13 2.39 -19.42
N LYS B 179 -15.24 1.93 -18.84
CA LYS B 179 -16.56 2.43 -19.16
C LYS B 179 -16.71 3.93 -18.88
N GLU B 180 -16.09 4.40 -17.80
CA GLU B 180 -16.16 5.81 -17.45
C GLU B 180 -15.16 6.62 -18.27
N LEU B 181 -14.01 6.02 -18.58
CA LEU B 181 -13.01 6.71 -19.39
C LEU B 181 -13.64 7.11 -20.73
N ASP B 182 -14.50 6.24 -21.25
CA ASP B 182 -15.17 6.51 -22.52
C ASP B 182 -16.09 7.73 -22.45
N HIS B 183 -16.46 8.14 -21.23
CA HIS B 183 -17.33 9.29 -21.08
C HIS B 183 -16.57 10.62 -21.16
N PHE B 184 -15.24 10.53 -21.28
CA PHE B 184 -14.42 11.73 -21.41
C PHE B 184 -14.20 11.98 -22.90
N PRO B 185 -13.91 13.23 -23.27
CA PRO B 185 -13.68 13.55 -24.69
C PRO B 185 -12.55 12.68 -25.22
N LEU B 186 -12.73 12.12 -26.41
CA LEU B 186 -11.73 11.25 -27.03
C LEU B 186 -10.31 11.82 -27.06
N GLU B 187 -10.18 13.13 -27.23
CA GLU B 187 -8.87 13.77 -27.30
C GLU B 187 -8.22 14.05 -25.95
N LYS B 188 -8.93 13.74 -24.86
CA LYS B 188 -8.41 13.97 -23.52
C LYS B 188 -8.32 12.67 -22.72
N ARG B 189 -8.80 11.59 -23.31
CA ARG B 189 -8.81 10.29 -22.66
C ARG B 189 -7.47 9.86 -22.04
N SER B 190 -6.38 10.09 -22.78
CA SER B 190 -5.04 9.70 -22.32
C SER B 190 -4.46 10.64 -21.27
N GLU B 191 -5.09 11.79 -21.07
CA GLU B 191 -4.61 12.77 -20.11
C GLU B 191 -5.32 12.64 -18.75
N VAL B 192 -6.39 11.84 -18.72
CA VAL B 192 -7.18 11.64 -17.51
C VAL B 192 -6.37 11.02 -16.37
N VAL B 193 -6.46 11.63 -15.20
CA VAL B 193 -5.78 11.13 -14.02
C VAL B 193 -6.73 10.22 -13.25
N ILE B 194 -6.35 8.97 -13.07
CA ILE B 194 -7.19 8.07 -12.33
C ILE B 194 -6.86 8.24 -10.86
N LEU B 195 -7.85 8.67 -10.09
CA LEU B 195 -7.64 8.87 -8.67
C LEU B 195 -8.38 7.81 -7.87
N PHE B 196 -7.66 6.82 -7.37
CA PHE B 196 -8.29 5.79 -6.55
C PHE B 196 -8.55 6.45 -5.20
N SER B 197 -9.79 6.34 -4.71
CA SER B 197 -10.16 6.97 -3.45
C SER B 197 -10.82 6.00 -2.48
N ALA B 198 -10.14 5.76 -1.37
CA ALA B 198 -10.62 4.85 -0.34
C ALA B 198 -10.83 5.66 0.93
N HIS B 199 -11.69 5.18 1.83
CA HIS B 199 -11.94 5.89 3.09
C HIS B 199 -10.66 5.89 3.94
N SER B 200 -10.33 7.06 4.46
CA SER B 200 -9.14 7.21 5.28
C SER B 200 -9.32 6.50 6.62
N LEU B 201 -8.23 6.42 7.37
CA LEU B 201 -8.21 5.83 8.69
C LEU B 201 -7.42 6.81 9.55
N PRO B 202 -7.72 6.87 10.85
CA PRO B 202 -7.01 7.80 11.74
C PRO B 202 -5.57 7.28 11.86
N MET B 203 -4.59 8.18 11.91
CA MET B 203 -3.21 7.74 12.02
C MET B 203 -2.95 6.85 13.23
N SER B 204 -3.74 7.03 14.28
CA SER B 204 -3.54 6.22 15.47
C SER B 204 -3.91 4.76 15.17
N VAL B 205 -4.79 4.54 14.20
CA VAL B 205 -5.18 3.19 13.84
C VAL B 205 -4.12 2.63 12.89
N VAL B 206 -3.66 3.47 11.95
CA VAL B 206 -2.60 3.08 11.03
C VAL B 206 -1.34 2.71 11.83
N ASN B 207 -0.94 3.58 12.75
CA ASN B 207 0.27 3.36 13.55
C ASN B 207 0.27 2.17 14.49
N ARG B 208 -0.89 1.57 14.75
CA ARG B 208 -0.85 0.41 15.62
C ARG B 208 -0.75 -0.87 14.76
N GLY B 209 -0.73 -0.69 13.44
CA GLY B 209 -0.56 -1.81 12.52
C GLY B 209 -1.75 -2.31 11.71
N ASP B 210 -2.74 -1.46 11.42
CA ASP B 210 -3.88 -1.92 10.65
C ASP B 210 -3.43 -2.34 9.25
N PRO B 211 -3.87 -3.52 8.80
CA PRO B 211 -3.50 -4.02 7.46
C PRO B 211 -4.23 -3.37 6.29
N TYR B 212 -5.22 -2.53 6.58
CA TYR B 212 -6.02 -1.88 5.54
C TYR B 212 -5.26 -1.10 4.45
N PRO B 213 -4.41 -0.12 4.83
CA PRO B 213 -3.66 0.65 3.81
C PRO B 213 -2.87 -0.20 2.81
N GLN B 214 -2.25 -1.29 3.30
CA GLN B 214 -1.45 -2.18 2.45
C GLN B 214 -2.29 -3.03 1.50
N GLU B 215 -3.47 -3.44 1.93
CA GLU B 215 -4.34 -4.24 1.09
C GLU B 215 -5.01 -3.37 0.03
N VAL B 216 -5.45 -2.16 0.40
CA VAL B 216 -6.07 -1.26 -0.59
C VAL B 216 -5.02 -0.97 -1.66
N SER B 217 -3.79 -0.72 -1.24
CA SER B 217 -2.70 -0.46 -2.17
C SER B 217 -2.53 -1.64 -3.14
N ALA B 218 -2.73 -2.87 -2.65
CA ALA B 218 -2.58 -4.05 -3.50
C ALA B 218 -3.69 -4.13 -4.54
N THR B 219 -4.92 -3.81 -4.14
CA THR B 219 -6.03 -3.83 -5.08
C THR B 219 -5.74 -2.85 -6.22
N VAL B 220 -5.29 -1.65 -5.85
CA VAL B 220 -4.95 -0.61 -6.83
C VAL B 220 -3.94 -1.09 -7.86
N GLN B 221 -2.88 -1.76 -7.41
CA GLN B 221 -1.84 -2.22 -8.32
C GLN B 221 -2.36 -3.29 -9.29
N LYS B 222 -3.23 -4.19 -8.82
CA LYS B 222 -3.78 -5.22 -9.69
C LYS B 222 -4.66 -4.62 -10.77
N VAL B 223 -5.42 -3.60 -10.41
CA VAL B 223 -6.31 -2.93 -11.36
C VAL B 223 -5.52 -2.24 -12.46
N MET B 224 -4.52 -1.45 -12.08
CA MET B 224 -3.68 -0.75 -13.05
C MET B 224 -2.93 -1.74 -13.96
N GLU B 225 -2.50 -2.87 -13.40
CA GLU B 225 -1.83 -3.88 -14.20
C GLU B 225 -2.79 -4.42 -15.27
N ARG B 226 -4.03 -4.70 -14.87
CA ARG B 226 -5.03 -5.20 -15.78
C ARG B 226 -5.32 -4.17 -16.88
N LEU B 227 -5.20 -2.89 -16.52
CA LEU B 227 -5.44 -1.82 -17.48
C LEU B 227 -4.16 -1.46 -18.23
N GLU B 228 -3.08 -2.17 -17.93
CA GLU B 228 -1.79 -1.93 -18.58
C GLU B 228 -1.27 -0.50 -18.40
N TYR B 229 -1.56 0.10 -17.26
CA TYR B 229 -1.09 1.46 -16.95
C TYR B 229 -1.42 2.43 -18.06
N CYS B 230 -2.65 2.40 -18.56
CA CYS B 230 -3.06 3.29 -19.65
C CYS B 230 -3.05 4.75 -19.25
N ASN B 231 -3.32 5.03 -17.97
CA ASN B 231 -3.32 6.41 -17.48
C ASN B 231 -2.51 6.57 -16.20
N PRO B 232 -2.19 7.82 -15.82
CA PRO B 232 -1.43 8.00 -14.58
C PRO B 232 -2.44 7.82 -13.44
N TYR B 233 -1.97 7.47 -12.25
CA TYR B 233 -2.89 7.27 -11.14
C TYR B 233 -2.29 7.62 -9.77
N ARG B 234 -3.17 7.74 -8.78
CA ARG B 234 -2.73 8.02 -7.43
C ARG B 234 -3.73 7.40 -6.47
N LEU B 235 -3.26 6.91 -5.34
CA LEU B 235 -4.19 6.37 -4.35
C LEU B 235 -4.29 7.47 -3.27
N VAL B 236 -5.48 8.04 -3.10
CA VAL B 236 -5.74 9.08 -2.11
C VAL B 236 -6.81 8.60 -1.12
N TRP B 237 -7.02 9.35 -0.04
CA TRP B 237 -7.97 8.96 1.00
C TRP B 237 -9.04 9.99 1.30
N GLN B 238 -10.28 9.53 1.32
CA GLN B 238 -11.43 10.40 1.53
C GLN B 238 -12.18 10.35 2.85
N SER B 239 -13.01 11.37 3.03
CA SER B 239 -13.89 11.53 4.17
C SER B 239 -13.31 11.50 5.57
N LYS B 240 -12.07 11.98 5.76
CA LYS B 240 -11.55 11.99 7.12
C LYS B 240 -12.51 12.84 7.95
N VAL B 241 -12.76 12.45 9.19
CA VAL B 241 -13.67 13.22 10.05
C VAL B 241 -13.03 13.59 11.39
N GLY B 242 -13.15 14.86 11.76
CA GLY B 242 -12.59 15.33 13.01
C GLY B 242 -11.32 16.15 12.86
N PRO B 243 -10.69 16.57 13.97
CA PRO B 243 -9.46 17.36 13.95
C PRO B 243 -8.15 16.59 14.08
N MET B 244 -8.23 15.33 14.50
CA MET B 244 -7.02 14.52 14.66
C MET B 244 -6.37 14.20 13.32
N PRO B 245 -5.12 13.69 13.33
CA PRO B 245 -4.42 13.34 12.10
C PRO B 245 -4.94 12.06 11.46
N TRP B 246 -5.20 12.12 10.16
CA TRP B 246 -5.69 10.96 9.40
C TRP B 246 -4.76 10.72 8.22
N LEU B 247 -4.71 9.49 7.74
CA LEU B 247 -3.84 9.17 6.60
C LEU B 247 -4.24 9.97 5.36
N GLY B 248 -3.28 10.69 4.80
CA GLY B 248 -3.54 11.48 3.61
C GLY B 248 -2.71 10.91 2.47
N PRO B 249 -2.69 11.54 1.28
CA PRO B 249 -3.40 12.77 0.96
C PRO B 249 -4.91 12.63 0.93
N GLN B 250 -5.60 13.70 1.31
CA GLN B 250 -7.05 13.73 1.30
C GLN B 250 -7.51 13.87 -0.14
N THR B 251 -8.66 13.28 -0.46
CA THR B 251 -9.16 13.35 -1.82
C THR B 251 -9.46 14.80 -2.19
N ASP B 252 -10.05 15.55 -1.26
CA ASP B 252 -10.37 16.97 -1.46
C ASP B 252 -9.15 17.74 -1.91
N GLU B 253 -8.11 17.73 -1.07
CA GLU B 253 -6.84 18.43 -1.35
C GLU B 253 -6.23 18.03 -2.69
N SER B 254 -6.24 16.74 -2.96
CA SER B 254 -5.64 16.20 -4.18
C SER B 254 -6.31 16.71 -5.44
N ILE B 255 -7.64 16.78 -5.44
CA ILE B 255 -8.34 17.28 -6.60
C ILE B 255 -8.00 18.76 -6.80
N LYS B 256 -8.11 19.54 -5.73
CA LYS B 256 -7.79 20.96 -5.82
C LYS B 256 -6.33 21.08 -6.26
N GLY B 257 -5.44 20.45 -5.52
CA GLY B 257 -4.02 20.49 -5.85
C GLY B 257 -3.74 20.09 -7.28
N LEU B 258 -4.33 19.00 -7.73
CA LEU B 258 -4.11 18.53 -9.10
C LEU B 258 -4.56 19.57 -10.11
N CYS B 259 -5.68 20.24 -9.86
CA CYS B 259 -6.18 21.25 -10.78
C CYS B 259 -5.26 22.49 -10.82
N GLU B 260 -4.74 22.88 -9.66
CA GLU B 260 -3.83 24.02 -9.59
C GLU B 260 -2.54 23.72 -10.37
N ARG B 261 -2.38 22.46 -10.79
CA ARG B 261 -1.17 22.07 -11.52
C ARG B 261 -1.40 21.58 -12.95
N GLY B 262 -2.53 21.96 -13.55
CA GLY B 262 -2.80 21.61 -14.93
C GLY B 262 -3.59 20.37 -15.30
N ARG B 263 -3.84 19.47 -14.35
CA ARG B 263 -4.59 18.26 -14.66
C ARG B 263 -6.08 18.60 -14.55
N LYS B 264 -6.72 18.82 -15.69
CA LYS B 264 -8.12 19.21 -15.75
C LYS B 264 -9.14 18.08 -15.84
N ASN B 265 -8.68 16.86 -16.10
CA ASN B 265 -9.59 15.73 -16.22
C ASN B 265 -9.28 14.64 -15.19
N ILE B 266 -10.22 14.43 -14.28
CA ILE B 266 -10.03 13.49 -13.18
C ILE B 266 -11.13 12.43 -13.09
N LEU B 267 -10.72 11.21 -12.83
CA LEU B 267 -11.64 10.08 -12.70
C LEU B 267 -11.48 9.47 -11.32
N LEU B 268 -12.50 9.65 -10.47
CA LEU B 268 -12.46 9.11 -9.11
C LEU B 268 -12.92 7.65 -9.14
N VAL B 269 -12.25 6.79 -8.38
CA VAL B 269 -12.61 5.39 -8.35
C VAL B 269 -12.85 4.88 -6.93
N PRO B 270 -14.08 4.44 -6.63
CA PRO B 270 -14.40 3.92 -5.29
C PRO B 270 -13.79 2.54 -5.21
N ILE B 271 -12.53 2.48 -4.76
CA ILE B 271 -11.78 1.24 -4.69
C ILE B 271 -11.89 0.40 -3.42
N ALA B 272 -12.55 0.90 -2.39
CA ALA B 272 -12.61 0.15 -1.14
C ALA B 272 -13.97 -0.08 -0.49
N PHE B 273 -15.04 0.35 -1.15
CA PHE B 273 -16.40 0.15 -0.65
C PHE B 273 -17.21 -0.10 -1.92
N THR B 274 -17.83 -1.27 -1.99
CA THR B 274 -18.57 -1.70 -3.18
C THR B 274 -19.94 -1.13 -3.50
N SER B 275 -20.49 -0.29 -2.63
CA SER B 275 -21.80 0.29 -2.90
C SER B 275 -21.70 1.81 -2.78
N ASP B 276 -22.70 2.51 -3.30
CA ASP B 276 -22.69 3.97 -3.24
C ASP B 276 -22.62 4.48 -1.81
N HIS B 277 -21.96 5.62 -1.64
CA HIS B 277 -21.80 6.22 -0.33
C HIS B 277 -21.63 7.73 -0.46
N ILE B 278 -21.42 8.42 0.66
CA ILE B 278 -21.26 9.86 0.64
C ILE B 278 -20.06 10.27 -0.22
N GLU B 279 -20.30 11.25 -1.10
CA GLU B 279 -19.26 11.72 -2.00
C GLU B 279 -18.38 12.80 -1.39
N THR B 280 -17.40 13.26 -2.16
CA THR B 280 -16.46 14.27 -1.69
C THR B 280 -16.93 15.70 -1.91
N LEU B 281 -16.25 16.63 -1.23
CA LEU B 281 -16.56 18.05 -1.29
C LEU B 281 -16.75 18.65 -2.68
N TYR B 282 -15.82 18.39 -3.60
CA TYR B 282 -15.93 18.96 -4.93
C TYR B 282 -17.03 18.34 -5.79
N GLU B 283 -17.50 17.17 -5.40
CA GLU B 283 -18.56 16.51 -6.14
C GLU B 283 -19.91 17.04 -5.65
N LEU B 284 -20.02 17.27 -4.35
CA LEU B 284 -21.27 17.74 -3.75
C LEU B 284 -21.45 19.26 -3.67
N ASP B 285 -20.73 19.90 -2.75
CA ASP B 285 -20.84 21.33 -2.56
C ASP B 285 -20.56 22.11 -3.84
N ILE B 286 -21.59 22.76 -4.37
CA ILE B 286 -21.50 23.52 -5.61
C ILE B 286 -20.73 24.84 -5.52
N GLU B 287 -20.65 25.41 -4.31
CA GLU B 287 -19.94 26.67 -4.14
C GLU B 287 -18.43 26.48 -4.31
N TYR B 288 -17.91 25.37 -3.82
CA TYR B 288 -16.48 25.06 -3.91
C TYR B 288 -16.04 24.68 -5.31
N SER B 289 -16.91 23.99 -6.06
CA SER B 289 -16.56 23.57 -7.41
C SER B 289 -16.44 24.75 -8.36
N GLN B 290 -17.17 25.82 -8.09
CA GLN B 290 -17.12 27.01 -8.93
C GLN B 290 -15.79 27.72 -8.75
N VAL B 291 -15.39 27.92 -7.50
CA VAL B 291 -14.11 28.58 -7.21
C VAL B 291 -13.02 27.77 -7.91
N LEU B 292 -13.17 26.45 -7.88
CA LEU B 292 -12.21 25.55 -8.49
C LEU B 292 -12.07 25.76 -9.99
N ALA B 293 -13.18 25.67 -10.71
CA ALA B 293 -13.17 25.85 -12.16
C ALA B 293 -12.81 27.27 -12.59
N LYS B 294 -13.13 28.24 -11.74
CA LYS B 294 -12.86 29.64 -12.05
C LYS B 294 -11.37 29.96 -12.00
N GLU B 295 -10.63 29.22 -11.18
CA GLU B 295 -9.20 29.46 -11.03
C GLU B 295 -8.29 28.45 -11.72
N CYS B 296 -8.75 27.20 -11.81
CA CYS B 296 -7.95 26.15 -12.43
C CYS B 296 -8.52 25.65 -13.76
N GLY B 297 -9.68 26.19 -14.14
CA GLY B 297 -10.30 25.76 -15.39
C GLY B 297 -10.55 24.27 -15.45
N VAL B 298 -11.15 23.71 -14.40
CA VAL B 298 -11.45 22.29 -14.34
C VAL B 298 -12.39 21.88 -15.46
N GLU B 299 -11.99 20.88 -16.24
CA GLU B 299 -12.79 20.40 -17.36
C GLU B 299 -13.77 19.26 -17.01
N ASN B 300 -13.24 18.16 -16.48
CA ASN B 300 -14.08 17.02 -16.12
C ASN B 300 -13.66 16.26 -14.87
N ILE B 301 -14.60 16.13 -13.94
CA ILE B 301 -14.39 15.38 -12.71
C ILE B 301 -15.50 14.35 -12.69
N ARG B 302 -15.16 13.09 -12.98
CA ARG B 302 -16.14 12.01 -13.03
C ARG B 302 -15.84 10.91 -12.01
N ARG B 303 -16.86 10.12 -11.72
CA ARG B 303 -16.72 9.01 -10.78
C ARG B 303 -17.20 7.69 -11.40
N ALA B 304 -16.39 6.65 -11.25
CA ALA B 304 -16.74 5.34 -11.79
C ALA B 304 -17.87 4.77 -10.95
N GLU B 305 -18.68 3.92 -11.58
CA GLU B 305 -19.81 3.30 -10.89
C GLU B 305 -19.35 2.33 -9.82
N SER B 306 -20.19 2.12 -8.82
CA SER B 306 -19.87 1.19 -7.75
C SER B 306 -20.22 -0.18 -8.30
N LEU B 307 -19.56 -1.22 -7.80
CA LEU B 307 -19.81 -2.57 -8.27
C LEU B 307 -21.23 -3.04 -7.95
N ASN B 308 -22.08 -2.09 -7.53
CA ASN B 308 -23.47 -2.35 -7.16
C ASN B 308 -24.08 -3.66 -7.65
N GLY B 309 -24.71 -3.62 -8.82
CA GLY B 309 -25.36 -4.80 -9.34
C GLY B 309 -24.75 -5.48 -10.56
N ASN B 310 -23.51 -5.15 -10.89
CA ASN B 310 -22.87 -5.78 -12.03
C ASN B 310 -22.94 -7.29 -11.83
N PRO B 311 -23.59 -8.02 -12.76
CA PRO B 311 -23.70 -9.47 -12.64
C PRO B 311 -22.35 -10.18 -12.55
N LEU B 312 -21.31 -9.52 -13.03
CA LEU B 312 -19.96 -10.09 -12.99
C LEU B 312 -19.43 -10.02 -11.56
N PHE B 313 -20.14 -9.31 -10.70
CA PHE B 313 -19.73 -9.19 -9.31
C PHE B 313 -20.25 -10.44 -8.57
N SER B 314 -21.50 -10.79 -8.84
CA SER B 314 -22.09 -11.99 -8.22
C SER B 314 -21.20 -13.18 -8.56
N LYS B 315 -20.71 -13.23 -9.78
CA LYS B 315 -19.85 -14.33 -10.17
C LYS B 315 -18.57 -14.26 -9.32
N ALA B 316 -18.19 -13.05 -8.92
CA ALA B 316 -17.00 -12.88 -8.11
C ALA B 316 -17.30 -13.42 -6.71
N LEU B 317 -18.48 -13.08 -6.20
CA LEU B 317 -18.90 -13.53 -4.87
C LEU B 317 -19.01 -15.04 -4.77
N ALA B 318 -19.74 -15.65 -5.71
CA ALA B 318 -19.93 -17.10 -5.71
C ALA B 318 -18.60 -17.83 -5.87
N ASP B 319 -17.73 -17.31 -6.71
CA ASP B 319 -16.42 -17.92 -6.94
C ASP B 319 -15.60 -17.97 -5.64
N LEU B 320 -15.75 -16.94 -4.80
CA LEU B 320 -15.03 -16.86 -3.53
C LEU B 320 -15.56 -17.85 -2.51
N VAL B 321 -16.89 -17.96 -2.42
CA VAL B 321 -17.48 -18.90 -1.49
C VAL B 321 -17.11 -20.32 -1.94
N HIS B 322 -17.14 -20.54 -3.25
CA HIS B 322 -16.81 -21.85 -3.81
C HIS B 322 -15.38 -22.26 -3.44
N SER B 323 -14.41 -21.38 -3.74
CA SER B 323 -13.01 -21.66 -3.42
C SER B 323 -12.82 -21.92 -1.94
N HIS B 324 -13.47 -21.10 -1.13
CA HIS B 324 -13.40 -21.22 0.32
C HIS B 324 -13.82 -22.61 0.77
N ILE B 325 -14.98 -23.05 0.30
CA ILE B 325 -15.51 -24.36 0.65
C ILE B 325 -14.57 -25.48 0.21
N GLN B 326 -13.95 -25.34 -0.95
CA GLN B 326 -13.05 -26.36 -1.47
C GLN B 326 -11.68 -26.43 -0.78
N SER B 327 -11.23 -25.32 -0.21
CA SER B 327 -9.93 -25.28 0.44
C SER B 327 -9.99 -25.76 1.89
N ASN B 328 -11.18 -25.77 2.47
CA ASN B 328 -11.39 -26.19 3.86
C ASN B 328 -10.71 -25.32 4.91
N GLU B 329 -10.27 -24.12 4.52
CA GLU B 329 -9.63 -23.24 5.48
C GLU B 329 -10.71 -22.56 6.31
N LEU B 330 -10.39 -22.23 7.55
CA LEU B 330 -11.37 -21.59 8.43
C LEU B 330 -11.27 -20.08 8.41
N CYS B 331 -10.13 -19.57 7.94
CA CYS B 331 -9.89 -18.13 7.84
C CYS B 331 -8.53 -17.97 7.18
N SER B 332 -8.25 -16.76 6.66
CA SER B 332 -6.95 -16.52 6.03
C SER B 332 -5.88 -16.59 7.10
N LYS B 333 -4.63 -16.79 6.69
CA LYS B 333 -3.55 -16.86 7.64
C LYS B 333 -3.32 -15.48 8.29
N GLN B 334 -3.67 -14.42 7.57
CA GLN B 334 -3.49 -13.07 8.10
C GLN B 334 -4.32 -12.82 9.35
N LEU B 335 -5.44 -13.53 9.48
CA LEU B 335 -6.30 -13.32 10.63
C LEU B 335 -5.69 -13.91 11.91
N THR B 336 -4.78 -14.88 11.76
CA THR B 336 -4.13 -15.50 12.91
C THR B 336 -3.11 -14.55 13.57
N LEU B 337 -2.92 -13.37 12.97
CA LEU B 337 -1.97 -12.39 13.50
C LEU B 337 -2.66 -11.06 13.80
N SER B 338 -2.61 -10.63 15.05
CA SER B 338 -3.23 -9.37 15.43
C SER B 338 -2.26 -8.22 15.22
N CYS B 339 -2.79 -7.01 15.14
CA CYS B 339 -1.96 -5.84 14.95
C CYS B 339 -0.85 -5.81 15.99
N PRO B 340 0.34 -5.34 15.62
CA PRO B 340 1.45 -5.29 16.57
C PRO B 340 1.13 -4.54 17.86
N LEU B 341 0.30 -3.48 17.78
CA LEU B 341 -0.04 -2.71 18.97
C LEU B 341 -1.52 -2.79 19.31
N CYS B 342 -2.11 -3.95 19.12
CA CYS B 342 -3.52 -4.15 19.42
C CYS B 342 -3.79 -4.00 20.93
N VAL B 343 -4.85 -3.28 21.28
CA VAL B 343 -5.20 -3.10 22.69
C VAL B 343 -6.67 -3.43 22.91
N ASN B 344 -7.19 -4.33 22.09
CA ASN B 344 -8.58 -4.76 22.18
C ASN B 344 -8.53 -6.23 22.54
N PRO B 345 -8.81 -6.55 23.81
CA PRO B 345 -8.82 -7.92 24.32
C PRO B 345 -9.68 -8.91 23.54
N VAL B 346 -10.72 -8.40 22.88
CA VAL B 346 -11.62 -9.25 22.12
C VAL B 346 -11.02 -9.80 20.84
N CYS B 347 -10.08 -9.06 20.25
CA CYS B 347 -9.45 -9.48 19.00
C CYS B 347 -8.91 -10.92 19.04
N ARG B 348 -8.14 -11.25 20.08
CA ARG B 348 -7.57 -12.58 20.22
C ARG B 348 -8.68 -13.63 20.31
N GLU B 349 -9.68 -13.32 21.12
CA GLU B 349 -10.81 -14.23 21.32
C GLU B 349 -11.56 -14.54 20.03
N THR B 350 -11.74 -13.52 19.20
CA THR B 350 -12.44 -13.70 17.94
C THR B 350 -11.58 -14.60 17.05
N LYS B 351 -10.28 -14.33 17.05
CA LYS B 351 -9.33 -15.12 16.27
C LYS B 351 -9.46 -16.61 16.63
N SER B 352 -9.28 -16.91 17.91
CA SER B 352 -9.38 -18.28 18.40
C SER B 352 -10.70 -18.92 18.04
N PHE B 353 -11.77 -18.13 18.08
CA PHE B 353 -13.10 -18.61 17.75
C PHE B 353 -13.11 -19.26 16.37
N PHE B 354 -12.60 -18.55 15.37
CA PHE B 354 -12.58 -19.11 14.02
C PHE B 354 -11.55 -20.20 13.76
N THR B 355 -10.34 -20.08 14.33
CA THR B 355 -9.33 -21.12 14.12
C THR B 355 -9.69 -22.39 14.89
N SER B 356 -10.51 -22.25 15.93
CA SER B 356 -10.90 -23.40 16.74
C SER B 356 -12.15 -24.16 16.28
N GLN B 357 -12.81 -23.67 15.23
CA GLN B 357 -14.02 -24.31 14.73
C GLN B 357 -13.81 -25.75 14.23
N GLN B 358 -14.88 -26.54 14.35
CA GLN B 358 -14.86 -27.94 13.94
C GLN B 358 -14.84 -28.09 12.41
N LEU B 359 -14.08 -29.07 11.93
CA LEU B 359 -13.94 -29.37 10.51
C LEU B 359 -13.14 -28.34 9.70
FE1 FES C . 7.43 16.98 -6.84
FE2 FES C . 6.50 14.59 -5.99
S1 FES C . 6.55 15.34 -8.08
S2 FES C . 7.37 16.25 -4.75
N1 IMD D . 15.43 7.87 5.64
C2 IMD D . 16.27 7.31 6.75
N3 IMD D . 15.40 6.64 7.69
C4 IMD D . 14.03 6.68 7.32
C5 IMD D . 14.06 7.46 6.11
C1 CHD E . 9.96 16.07 7.51
C2 CHD E . 8.99 16.78 8.48
C3 CHD E . 8.53 18.09 7.82
O3 CHD E . 7.60 18.77 8.66
C4 CHD E . 9.74 19.01 7.53
C5 CHD E . 10.80 18.31 6.62
C6 CHD E . 12.05 19.21 6.36
C7 CHD E . 12.94 19.37 7.64
O7 CHD E . 12.26 20.14 8.65
C8 CHD E . 13.36 17.98 8.22
C9 CHD E . 12.09 17.11 8.55
C10 CHD E . 11.23 16.91 7.23
C11 CHD E . 12.54 15.73 9.14
C12 CHD E . 13.38 15.97 10.44
O12 CHD E . 12.61 16.67 11.42
C13 CHD E . 14.66 16.80 10.12
C14 CHD E . 14.21 18.17 9.51
C15 CHD E . 15.55 18.91 9.36
C16 CHD E . 16.18 18.63 10.77
C17 CHD E . 15.59 17.26 11.29
C18 CHD E . 15.50 16.02 9.03
C19 CHD E . 12.06 16.11 6.20
C20 CHD E . 16.75 16.28 11.72
C21 CHD E . 16.18 14.93 12.22
C22 CHD E . 17.53 16.96 12.87
C23 CHD E . 18.71 16.11 13.38
O25 CHD E . 19.09 17.91 14.93
C24 CHD E . 19.44 16.81 14.52
O26 CHD E . 20.51 16.22 15.10
C1 CHD F . 17.09 24.30 16.52
C2 CHD F . 16.24 23.28 17.31
C3 CHD F . 17.01 21.94 17.38
O3 CHD F . 16.26 20.96 18.12
C4 CHD F . 17.27 21.39 15.95
C5 CHD F . 18.07 22.43 15.09
C6 CHD F . 18.29 21.91 13.62
C7 CHD F . 16.97 21.85 12.80
O7 CHD F . 16.08 20.85 13.30
C8 CHD F . 16.26 23.24 12.78
C9 CHD F . 15.98 23.74 14.25
C10 CHD F . 17.34 23.83 15.06
C11 CHD F . 15.24 25.13 14.21
C12 CHD F . 13.91 25.01 13.41
O12 CHD F . 13.03 24.07 14.03
C13 CHD F . 14.18 24.55 11.94
C14 CHD F . 14.92 23.15 11.99
C15 CHD F . 15.01 22.77 10.51
C16 CHD F . 13.55 23.09 10.04
C17 CHD F . 12.99 24.24 10.97
C18 CHD F . 15.17 25.58 11.27
C19 CHD F . 18.24 24.90 14.40
C20 CHD F . 12.46 25.44 10.09
C21 CHD F . 11.91 26.57 11.00
C22 CHD F . 11.32 24.94 9.18
C23 CHD F . 10.77 26.06 8.27
O25 CHD F . 9.27 24.41 7.42
C24 CHD F . 9.65 25.57 7.38
O26 CHD F . 9.05 26.41 6.53
O1 OXY G . 17.46 9.86 1.50
O2 OXY G . 17.56 10.07 0.27
CL CL H . -1.08 -12.72 17.50
CHA FDE I . 19.59 8.29 5.40
C1A FDE I . 19.11 7.26 4.68
C2A FDE I . 20.07 6.16 4.38
CAA FDE I . 21.31 5.98 5.35
CBA FDE I . 20.64 5.14 6.35
CGA FDE I . 20.61 3.87 6.66
O1A FDE I . 19.64 3.64 7.43
O2A FDE I . 21.44 3.05 6.24
C3A FDE I . 19.04 5.10 4.00
CMA FDE I . 19.42 3.87 3.12
C4A FDE I . 17.88 5.91 3.47
NA FDE I . 17.92 7.12 4.07
CHB FDE I . 16.83 5.62 2.75
C1B FDE I . 15.65 5.97 2.27
C2B FDE I . 14.66 5.36 1.49
C3B FDE I . 13.66 6.32 1.53
CME FDE I . 12.36 6.25 0.75
C4B FDE I . 14.11 7.46 2.31
NB FDE I . 15.32 7.16 2.77
CHC FDE I . 13.27 8.71 2.40
C1C FDE I . 13.79 9.79 3.28
C2C FDE I . 13.07 10.97 3.53
C3C FDE I . 13.85 11.71 4.41
CMF FDE I . 13.31 13.04 4.87
C4C FDE I . 14.93 10.94 4.69
NC FDE I . 14.94 9.77 3.98
CHD FDE I . 16.02 11.15 5.43
C1D FDE I . 17.24 10.82 5.86
C2D FDE I . 18.19 11.47 6.71
CMD FDE I . 18.02 12.75 7.49
C3D FDE I . 19.33 10.52 6.71
CAD FDE I . 20.73 10.52 7.34
CBD FDE I . 20.73 9.66 8.63
CGD FDE I . 20.42 10.62 9.75
O1D FDE I . 19.92 10.24 10.79
O2D FDE I . 20.70 11.82 9.63
C4D FDE I . 18.85 9.48 5.76
ND FDE I . 17.59 9.67 5.30
FE FDE I . 16.49 8.39 4.02
S SO4 J . 17.40 11.54 16.02
O1 SO4 J . 15.97 11.45 16.33
O2 SO4 J . 17.75 10.57 14.97
O3 SO4 J . 17.73 12.90 15.56
O4 SO4 J . 18.19 11.23 17.24
FE1 FES K . -7.04 -5.77 17.43
FE2 FES K . -6.13 -5.03 14.96
S1 FES K . -6.20 -7.09 15.85
S2 FES K . -7.01 -3.74 16.59
N1 IMD L . -15.02 6.37 7.89
C2 IMD L . -13.72 6.69 7.59
N3 IMD L . -13.65 7.91 7.03
C4 IMD L . -14.89 8.39 6.95
C5 IMD L . -15.75 7.45 7.45
C1 CHD M . -9.25 8.41 16.03
C2 CHD M . -8.25 9.44 16.62
C3 CHD M . -7.79 8.92 17.99
O3 CHD M . -6.84 9.83 18.56
C4 CHD M . -8.99 8.76 18.96
C5 CHD M . -10.07 7.79 18.35
C6 CHD M . -11.33 7.65 19.29
C7 CHD M . -12.20 8.94 19.33
O7 CHD M . -11.50 10.02 20.00
C8 CHD M . -12.62 9.39 17.89
C9 CHD M . -11.35 9.61 16.98
C10 CHD M . -10.51 8.25 16.91
C11 CHD M . -11.81 10.08 15.55
C12 CHD M . -12.60 11.41 15.69
O12 CHD M . -11.81 12.44 16.28
C13 CHD M . -13.88 11.22 16.54
C14 CHD M . -13.44 10.71 17.96
C15 CHD M . -14.77 10.68 18.73
C16 CHD M . -15.34 12.08 18.33
C17 CHD M . -14.74 12.46 16.91
C18 CHD M . -14.77 10.09 15.89
C19 CHD M . -11.38 7.16 16.24
C20 CHD M . -15.90 12.89 15.93
C21 CHD M . -15.32 13.26 14.54
C22 CHD M . -16.58 14.13 16.55
C23 CHD M . -17.75 14.67 15.71
O25 CHD M . -17.97 16.34 17.42
C24 CHD M . -18.38 15.90 16.36
O26 CHD M . -19.43 16.50 15.75
C1 CHD N . -16.88 18.63 23.76
C2 CHD N . -16.25 19.50 22.65
C3 CHD N . -17.21 19.51 21.44
O3 CHD N . -16.68 20.32 20.40
C4 CHD N . -17.44 18.07 20.91
C5 CHD N . -18.00 17.13 22.02
C6 CHD N . -18.19 15.66 21.51
C7 CHD N . -16.83 14.94 21.25
O7 CHD N . -16.14 15.52 20.12
C8 CHD N . -15.92 14.98 22.51
C9 CHD N . -15.67 16.45 22.98
C10 CHD N . -17.08 17.15 23.30
C11 CHD N . -14.75 16.46 24.25
C12 CHD N . -13.40 15.77 23.91
O12 CHD N . -12.71 16.46 22.87
C13 CHD N . -13.62 14.29 23.48
C14 CHD N . -14.55 14.29 22.22
C15 CHD N . -14.58 12.81 21.83
C16 CHD N . -13.06 12.45 21.92
C17 CHD N . -12.42 13.43 22.98
C18 CHD N . -14.38 13.53 24.64
C19 CHD N . -17.75 16.40 24.48
C20 CHD N . -11.63 12.59 24.06
C21 CHD N . -10.98 13.53 25.11
C22 CHD N . -10.51 11.79 23.35
C23 CHD N . -9.69 10.92 24.33
O25 CHD N . -8.48 10.26 22.38
C24 CHD N . -8.61 10.15 23.59
O26 CHD N . -7.79 9.34 24.27
C1 GOL O . 0.00 4.31 2.37
O1 GOL O . -0.76 4.47 1.17
C2 GOL O . -0.11 2.87 2.85
O2 GOL O . 0.31 1.96 1.84
C3 GOL O . 0.72 2.68 4.12
O3 GOL O . 0.62 1.32 4.55
O1 OXY P . -17.07 2.66 10.10
O2 OXY P . -17.24 1.45 10.28
CHA FDE Q . -19.00 6.37 8.41
C1A FDE Q . -18.57 5.59 7.46
C2A FDE Q . -19.55 5.20 6.37
CAA FDE Q . -20.81 6.11 6.13
CBA FDE Q . -20.15 7.18 5.37
CGA FDE Q . -20.15 7.45 4.09
O1A FDE Q . -20.89 6.91 3.23
O2A FDE Q . -19.28 8.32 3.93
C3A FDE Q . -18.59 4.69 5.33
CMA FDE Q . -19.10 3.78 4.19
C4A FDE Q . -17.39 4.27 6.22
NA FDE Q . -17.38 4.95 7.40
CHB FDE Q . -16.37 3.53 6.03
C1B FDE Q . -15.18 3.05 6.36
C2B FDE Q . -14.29 2.18 5.76
C3B FDE Q . -13.22 2.21 6.64
CME FDE Q . -11.98 1.37 6.44
C4B FDE Q . -13.59 3.12 7.76
NB FDE Q . -14.81 3.60 7.50
CHC FDE Q . -12.75 3.29 8.97
C1C FDE Q . -13.23 4.25 10.03
C2C FDE Q . -12.48 4.56 11.19
C3C FDE Q . -13.22 5.51 11.91
CMF FDE Q . -12.62 6.04 13.20
C4C FDE Q . -14.35 5.72 11.15
NC FDE Q . -14.37 4.96 10.02
CHD FDE Q . -15.44 6.46 11.31
C1D FDE Q . -16.66 6.88 10.97
C2D FDE Q . -17.58 7.79 11.56
CMD FDE Q . -17.37 8.57 12.83
C3D FDE Q . -18.73 7.76 10.60
CAD FDE Q . -20.12 8.40 10.53
CBD FDE Q . -19.99 9.65 9.65
CGD FDE Q . -19.70 10.79 10.58
O1D FDE Q . -19.19 11.80 10.09
O2D FDE Q . -19.98 10.75 11.80
C4D FDE Q . -18.25 6.79 9.59
ND FDE Q . -17.04 6.30 9.84
FE FDE Q . -15.95 4.94 8.66
S SO4 R . -16.61 17.14 10.99
O1 SO4 R . -16.87 16.03 11.92
O2 SO4 R . -16.67 16.65 9.60
O3 SO4 R . -17.63 18.19 11.17
O4 SO4 R . -15.28 17.71 11.27
#